data_5VIG
#
_entry.id   5VIG
#
_cell.length_a   385.082
_cell.length_b   385.082
_cell.length_c   56.640
_cell.angle_alpha   90.000
_cell.angle_beta   90.000
_cell.angle_gamma   120.000
#
_symmetry.space_group_name_H-M   'H 3 2'
#
loop_
_entity.id
_entity.type
_entity.pdbx_description
1 polymer 'Fab heavy chain'
2 polymer 'Fab light chain'
3 polymer 'Zika virus envelope protein DIII'
4 non-polymer 'CITRATE ANION'
#
loop_
_entity_poly.entity_id
_entity_poly.type
_entity_poly.pdbx_seq_one_letter_code
_entity_poly.pdbx_strand_id
1 'polypeptide(L)'
;EVQLLESGGGLVQPGGSLRLSCAASGFTFKNYAMAWVRQAPGKGLEWVSLLYNSEESTYYADSVKGRFTISRDNSKNTLF
LQMNRLRVEDTAVYFCVRDRSNGWSSINLWGRGTLVTVSSASTKGPSVFPLAPSSKSTSGGTAALGCLVKDYFPEPVTVS
WNSGALTSGVHTFPAVLQSSGLYSLSSVVTVPSSSLGTQTYICNVNHKPSNTKVDKRVEPKSCDKTHHHHHH
;
H,A
2 'polypeptide(L)'
;DIQMTQSPSTLSASVGDRVTMTCRASQTISGWLAWYQQKPGKAPKLLIYQASRLESGIPSRFSGSGSGTEFTLTISSLQP
DDVATYYCQQYSTFWTFGLGTKVEIKRTVAAPSVFIFPPSDEQLKSGTASVVCLLNNFYPREAKVQWKVDNALQSGNSQE
SVTEQDSKDSTYSLSSTLTLSKADYEKHKVYACEVTHQGLSSPVTKSFNRGEC
;
L,B
3 'polypeptide(L)'
;MRLKGVSYSLCTAAFTFTKIPAETLHGTVTVEVQYAGTDGPCKVPAQMAVDMQTLTPVGRLITANPVITESTENSKMMLE
LDPPFGDSYIVIGVGEKKITHHWHRSGSTI
;
Z,G
#
loop_
_chem_comp.id
_chem_comp.type
_chem_comp.name
_chem_comp.formula
FLC non-polymer 'CITRATE ANION' 'C6 H5 O7 -3'
#
# COMPACT_ATOMS: atom_id res chain seq x y z
N VAL A 2 -3.60 -25.24 -27.59
CA VAL A 2 -2.25 -24.77 -27.21
C VAL A 2 -1.99 -24.84 -25.71
N GLN A 3 -1.02 -25.65 -25.30
CA GLN A 3 -0.91 -26.03 -23.89
C GLN A 3 0.49 -26.55 -23.57
N LEU A 4 0.95 -26.29 -22.35
CA LEU A 4 2.12 -26.93 -21.76
C LEU A 4 1.71 -27.63 -20.49
N LEU A 5 2.21 -28.84 -20.29
CA LEU A 5 1.89 -29.65 -19.12
C LEU A 5 3.19 -30.15 -18.53
N GLU A 6 3.48 -29.73 -17.30
CA GLU A 6 4.67 -30.16 -16.61
C GLU A 6 4.37 -31.43 -15.81
N SER A 7 5.42 -32.19 -15.53
CA SER A 7 5.30 -33.38 -14.70
C SER A 7 6.70 -33.75 -14.21
N GLY A 8 6.73 -34.52 -13.13
CA GLY A 8 7.97 -35.08 -12.65
C GLY A 8 8.45 -34.54 -11.32
N GLY A 9 7.75 -33.56 -10.75
CA GLY A 9 8.24 -32.89 -9.57
C GLY A 9 7.72 -33.52 -8.30
N GLY A 10 8.45 -33.25 -7.21
CA GLY A 10 8.10 -33.78 -5.92
C GLY A 10 9.23 -33.58 -4.94
N LEU A 11 9.58 -34.62 -4.19
CA LEU A 11 10.52 -34.50 -3.08
C LEU A 11 11.84 -35.15 -3.43
N VAL A 12 12.93 -34.41 -3.22
CA VAL A 12 14.28 -34.86 -3.55
C VAL A 12 15.17 -34.65 -2.35
N GLN A 13 16.07 -35.60 -2.09
CA GLN A 13 17.05 -35.44 -1.03
C GLN A 13 18.15 -34.47 -1.49
N PRO A 14 18.69 -33.66 -0.58
CA PRO A 14 19.78 -32.77 -0.97
C PRO A 14 20.93 -33.57 -1.56
N GLY A 15 21.51 -33.05 -2.64
CA GLY A 15 22.46 -33.79 -3.43
C GLY A 15 21.85 -34.71 -4.46
N GLY A 16 20.53 -34.87 -4.45
CA GLY A 16 19.86 -35.82 -5.31
C GLY A 16 19.70 -35.30 -6.72
N SER A 17 18.86 -36.02 -7.48
CA SER A 17 18.62 -35.71 -8.87
C SER A 17 17.15 -35.93 -9.21
N LEU A 18 16.57 -34.97 -9.90
CA LEU A 18 15.22 -35.07 -10.41
C LEU A 18 15.23 -34.72 -11.88
N ARG A 19 14.36 -35.38 -12.65
CA ARG A 19 14.24 -35.15 -14.08
C ARG A 19 12.81 -34.69 -14.35
N LEU A 20 12.65 -33.41 -14.66
CA LEU A 20 11.36 -32.80 -14.98
C LEU A 20 11.09 -32.92 -16.47
N SER A 21 9.82 -32.94 -16.83
CA SER A 21 9.48 -32.96 -18.24
C SER A 21 8.23 -32.12 -18.46
N CYS A 22 8.09 -31.67 -19.71
CA CYS A 22 6.97 -30.85 -20.14
C CYS A 22 6.50 -31.35 -21.50
N ALA A 23 5.18 -31.40 -21.68
CA ALA A 23 4.56 -31.94 -22.89
C ALA A 23 3.87 -30.82 -23.64
N ALA A 24 4.40 -30.47 -24.82
CA ALA A 24 3.87 -29.41 -25.66
C ALA A 24 2.80 -29.93 -26.61
N SER A 25 1.83 -29.07 -26.89
CA SER A 25 0.73 -29.37 -27.79
C SER A 25 0.17 -28.06 -28.33
N GLY A 26 -0.25 -28.07 -29.58
CA GLY A 26 -0.89 -26.91 -30.19
C GLY A 26 -0.02 -26.05 -31.09
N PHE A 27 1.21 -26.46 -31.38
CA PHE A 27 2.16 -25.62 -32.09
C PHE A 27 3.38 -26.43 -32.47
N THR A 28 4.04 -26.04 -33.57
CA THR A 28 5.32 -26.63 -33.95
C THR A 28 6.39 -26.44 -32.89
N PHE A 29 6.33 -27.24 -31.83
CA PHE A 29 7.33 -27.31 -30.77
C PHE A 29 8.76 -27.09 -31.26
N LYS A 30 9.07 -27.61 -32.47
CA LYS A 30 10.43 -27.52 -32.96
C LYS A 30 10.85 -26.09 -33.26
N ASN A 31 9.90 -25.21 -33.53
CA ASN A 31 10.20 -23.88 -34.00
C ASN A 31 10.50 -22.88 -32.89
N TYR A 32 10.02 -23.12 -31.69
CA TYR A 32 10.01 -22.16 -30.60
C TYR A 32 11.11 -22.45 -29.58
N ALA A 33 11.58 -21.40 -28.93
CA ALA A 33 12.51 -21.62 -27.82
C ALA A 33 11.72 -22.02 -26.59
N MET A 34 12.30 -22.87 -25.77
CA MET A 34 11.67 -23.34 -24.54
C MET A 34 12.56 -22.98 -23.37
N ALA A 35 11.92 -22.72 -22.23
CA ALA A 35 12.68 -22.36 -21.05
C ALA A 35 11.98 -22.87 -19.81
N TRP A 36 12.75 -23.00 -18.75
CA TRP A 36 12.25 -23.35 -17.43
C TRP A 36 12.41 -22.15 -16.53
N VAL A 37 11.30 -21.69 -15.94
CA VAL A 37 11.30 -20.55 -15.02
C VAL A 37 10.76 -21.04 -13.68
N ARG A 38 11.55 -20.90 -12.62
CA ARG A 38 11.14 -21.36 -11.32
C ARG A 38 10.77 -20.18 -10.43
N GLN A 39 10.11 -20.53 -9.33
CA GLN A 39 9.58 -19.53 -8.40
C GLN A 39 9.67 -20.13 -7.01
N ALA A 40 10.67 -19.70 -6.24
CA ALA A 40 10.78 -20.12 -4.86
C ALA A 40 9.50 -19.74 -4.12
N PRO A 41 9.13 -20.49 -3.06
CA PRO A 41 7.93 -20.14 -2.32
C PRO A 41 7.99 -18.70 -1.84
N GLY A 42 6.96 -17.91 -2.16
CA GLY A 42 6.91 -16.53 -1.74
C GLY A 42 7.92 -15.60 -2.37
N LYS A 43 8.79 -16.11 -3.23
CA LYS A 43 9.81 -15.30 -3.88
C LYS A 43 9.37 -14.99 -5.32
N GLY A 44 10.30 -14.48 -6.12
CA GLY A 44 10.00 -14.01 -7.46
C GLY A 44 10.28 -15.06 -8.53
N LEU A 45 10.22 -14.60 -9.78
CA LEU A 45 10.47 -15.45 -10.94
C LEU A 45 11.96 -15.46 -11.26
N GLU A 46 12.50 -16.64 -11.48
CA GLU A 46 13.90 -16.83 -11.84
C GLU A 46 13.97 -17.81 -13.02
N TRP A 47 14.42 -17.32 -14.16
CA TRP A 47 14.67 -18.20 -15.28
C TRP A 47 15.90 -19.04 -15.01
N VAL A 48 15.86 -20.30 -15.40
CA VAL A 48 16.90 -21.25 -15.02
C VAL A 48 17.62 -21.80 -16.25
N SER A 49 16.91 -21.93 -17.36
CA SER A 49 17.50 -22.55 -18.53
C SER A 49 16.63 -22.27 -19.74
N LEU A 50 17.28 -22.18 -20.91
CA LEU A 50 16.58 -21.92 -22.16
C LEU A 50 17.31 -22.65 -23.28
N LEU A 51 16.56 -23.17 -24.25
CA LEU A 51 17.19 -23.80 -25.40
C LEU A 51 16.35 -23.63 -26.65
N TYR A 52 17.01 -23.46 -27.80
CA TYR A 52 16.34 -23.46 -29.09
C TYR A 52 16.74 -24.65 -29.97
N ASN A 53 17.99 -24.71 -30.44
CA ASN A 53 18.41 -25.63 -31.51
C ASN A 53 19.66 -26.39 -31.14
N SER A 54 20.67 -25.64 -30.74
CA SER A 54 22.06 -26.02 -30.79
C SER A 54 22.68 -25.85 -29.42
N GLU A 55 23.94 -26.26 -29.32
CA GLU A 55 24.72 -26.02 -28.12
C GLU A 55 24.85 -24.53 -27.84
N GLU A 56 25.01 -23.73 -28.90
CA GLU A 56 25.17 -22.29 -28.72
C GLU A 56 23.89 -21.63 -28.26
N SER A 57 22.72 -22.17 -28.61
CA SER A 57 21.45 -21.59 -28.22
C SER A 57 20.85 -22.26 -26.99
N THR A 58 21.69 -22.77 -26.09
CA THR A 58 21.27 -23.19 -24.75
C THR A 58 21.95 -22.32 -23.72
N TYR A 59 21.20 -21.94 -22.69
CA TYR A 59 21.68 -21.02 -21.66
C TYR A 59 21.31 -21.56 -20.28
N TYR A 60 22.16 -21.26 -19.32
CA TYR A 60 21.94 -21.67 -17.93
C TYR A 60 22.26 -20.48 -17.03
N ALA A 61 21.31 -20.16 -16.16
CA ALA A 61 21.57 -19.21 -15.09
C ALA A 61 22.76 -19.67 -14.25
N ASP A 62 23.61 -18.73 -13.84
CA ASP A 62 24.79 -19.07 -13.06
C ASP A 62 24.46 -19.89 -11.81
N SER A 63 23.27 -19.70 -11.24
CA SER A 63 22.87 -20.40 -10.03
C SER A 63 22.67 -21.89 -10.23
N VAL A 64 22.66 -22.39 -11.47
CA VAL A 64 22.46 -23.81 -11.72
C VAL A 64 23.47 -24.32 -12.74
N LYS A 65 24.52 -23.54 -13.00
CA LYS A 65 25.46 -23.92 -14.04
C LYS A 65 26.21 -25.18 -13.64
N GLY A 66 26.18 -26.18 -14.52
CA GLY A 66 26.83 -27.45 -14.27
C GLY A 66 25.92 -28.45 -13.59
N ARG A 67 25.00 -27.93 -12.79
CA ARG A 67 24.08 -28.73 -11.98
C ARG A 67 22.83 -29.15 -12.76
N PHE A 68 22.26 -28.26 -13.56
CA PHE A 68 21.07 -28.57 -14.33
C PHE A 68 21.43 -28.70 -15.80
N THR A 69 20.50 -29.26 -16.57
CA THR A 69 20.70 -29.55 -17.98
C THR A 69 19.33 -29.63 -18.63
N ILE A 70 19.17 -29.03 -19.81
CA ILE A 70 17.89 -29.14 -20.49
C ILE A 70 18.07 -29.84 -21.82
N SER A 71 16.96 -30.40 -22.30
CA SER A 71 16.96 -31.34 -23.41
C SER A 71 15.65 -31.18 -24.18
N ARG A 72 15.71 -31.42 -25.48
CA ARG A 72 14.58 -31.19 -26.36
C ARG A 72 14.38 -32.42 -27.22
N ASP A 73 13.18 -32.98 -27.19
CA ASP A 73 12.84 -34.14 -27.98
C ASP A 73 11.76 -33.71 -28.97
N ASN A 74 12.19 -33.25 -30.15
CA ASN A 74 11.25 -32.64 -31.08
C ASN A 74 10.28 -33.64 -31.67
N SER A 75 10.69 -34.93 -31.75
CA SER A 75 9.80 -35.99 -32.20
C SER A 75 8.64 -36.20 -31.25
N LYS A 76 8.89 -36.05 -29.95
CA LYS A 76 7.86 -36.22 -28.93
C LYS A 76 7.28 -34.90 -28.39
N ASN A 77 7.77 -33.74 -28.87
CA ASN A 77 7.25 -32.44 -28.41
C ASN A 77 7.38 -32.30 -26.89
N THR A 78 8.56 -32.62 -26.38
CA THR A 78 8.76 -32.77 -24.94
C THR A 78 10.05 -32.07 -24.51
N LEU A 79 9.99 -31.38 -23.37
CA LEU A 79 11.12 -30.66 -22.81
C LEU A 79 11.53 -31.31 -21.48
N PHE A 80 12.84 -31.42 -21.27
CA PHE A 80 13.36 -32.06 -20.07
C PHE A 80 14.22 -31.08 -19.29
N LEU A 81 14.23 -31.25 -17.97
CA LEU A 81 15.15 -30.49 -17.13
C LEU A 81 15.78 -31.46 -16.14
N GLN A 82 17.04 -31.80 -16.41
CA GLN A 82 17.81 -32.73 -15.58
C GLN A 82 18.57 -31.93 -14.53
N MET A 83 18.08 -31.97 -13.29
CA MET A 83 18.71 -31.23 -12.20
C MET A 83 19.38 -32.22 -11.25
N ASN A 84 20.67 -32.04 -11.02
CA ASN A 84 21.45 -32.85 -10.09
C ASN A 84 22.14 -31.94 -9.09
N ARG A 85 22.75 -32.57 -8.09
CA ARG A 85 23.41 -31.88 -6.98
C ARG A 85 22.49 -30.83 -6.37
N LEU A 86 21.20 -31.18 -6.24
CA LEU A 86 20.20 -30.23 -5.77
C LEU A 86 20.55 -29.71 -4.38
N ARG A 87 20.19 -28.46 -4.13
CA ARG A 87 20.38 -27.81 -2.85
C ARG A 87 19.03 -27.40 -2.29
N VAL A 88 18.98 -27.18 -0.98
CA VAL A 88 17.71 -26.90 -0.33
C VAL A 88 17.03 -25.68 -0.93
N GLU A 89 17.81 -24.69 -1.38
CA GLU A 89 17.24 -23.48 -1.97
C GLU A 89 16.72 -23.71 -3.40
N ASP A 90 16.96 -24.87 -4.00
CA ASP A 90 16.30 -25.14 -5.27
C ASP A 90 14.81 -25.42 -5.09
N THR A 91 14.32 -25.53 -3.86
CA THR A 91 12.91 -25.73 -3.60
C THR A 91 12.08 -24.58 -4.18
N ALA A 92 11.23 -24.91 -5.13
CA ALA A 92 10.48 -23.92 -5.90
C ALA A 92 9.49 -24.67 -6.77
N VAL A 93 8.55 -23.92 -7.31
CA VAL A 93 7.70 -24.41 -8.39
C VAL A 93 8.44 -24.15 -9.69
N TYR A 94 8.34 -25.09 -10.64
CA TYR A 94 9.07 -24.97 -11.89
C TYR A 94 8.07 -24.84 -13.03
N PHE A 95 8.16 -23.75 -13.77
CA PHE A 95 7.25 -23.49 -14.87
C PHE A 95 7.95 -23.81 -16.18
N CYS A 96 7.28 -24.61 -17.01
CA CYS A 96 7.72 -24.82 -18.36
C CYS A 96 7.10 -23.74 -19.24
N VAL A 97 7.90 -23.15 -20.10
CA VAL A 97 7.57 -21.87 -20.72
C VAL A 97 7.99 -21.91 -22.19
N ARG A 98 7.09 -21.50 -23.07
CA ARG A 98 7.40 -21.25 -24.47
C ARG A 98 7.67 -19.78 -24.68
N ASP A 99 8.78 -19.47 -25.35
CA ASP A 99 9.08 -18.14 -25.79
C ASP A 99 8.15 -17.72 -26.91
N ARG A 100 8.01 -16.42 -27.12
CA ARG A 100 7.14 -15.94 -28.19
C ARG A 100 7.64 -16.46 -29.54
N SER A 101 8.95 -16.53 -29.71
CA SER A 101 9.52 -16.83 -31.01
C SER A 101 10.68 -17.77 -30.81
N ASN A 102 11.86 -17.22 -31.00
CA ASN A 102 13.08 -17.96 -31.21
C ASN A 102 14.01 -17.88 -30.01
N GLY A 103 13.63 -17.16 -28.95
CA GLY A 103 14.43 -16.98 -27.76
C GLY A 103 14.45 -15.55 -27.25
N TRP A 104 14.35 -15.38 -25.93
CA TRP A 104 14.56 -14.08 -25.28
C TRP A 104 13.58 -13.03 -25.81
N SER A 105 12.33 -13.25 -25.44
CA SER A 105 11.20 -12.46 -25.91
C SER A 105 10.25 -12.33 -24.74
N SER A 106 9.05 -11.84 -25.02
CA SER A 106 7.97 -12.01 -24.08
C SER A 106 7.62 -13.49 -23.98
N ILE A 107 7.04 -13.87 -22.86
CA ILE A 107 6.69 -15.26 -22.61
C ILE A 107 5.18 -15.39 -22.70
N ASN A 108 4.68 -15.88 -23.82
CA ASN A 108 3.24 -15.90 -24.01
C ASN A 108 2.63 -17.29 -23.97
N LEU A 109 3.26 -18.23 -23.26
CA LEU A 109 2.67 -19.55 -23.03
C LEU A 109 3.34 -20.12 -21.79
N TRP A 110 2.56 -20.44 -20.77
CA TRP A 110 3.08 -20.89 -19.51
C TRP A 110 2.45 -22.22 -19.17
N GLY A 111 3.20 -23.02 -18.42
CA GLY A 111 2.65 -24.26 -17.92
C GLY A 111 1.72 -24.02 -16.74
N ARG A 112 1.65 -25.03 -15.87
CA ARG A 112 0.87 -24.96 -14.65
C ARG A 112 1.75 -24.91 -13.42
N GLY A 113 3.03 -25.18 -13.57
CA GLY A 113 3.90 -25.32 -12.43
C GLY A 113 3.96 -26.74 -11.91
N THR A 114 5.17 -27.22 -11.61
CA THR A 114 5.36 -28.46 -10.89
C THR A 114 6.31 -28.15 -9.75
N LEU A 115 5.89 -28.47 -8.54
CA LEU A 115 6.63 -28.06 -7.35
C LEU A 115 7.68 -29.10 -6.99
N VAL A 116 8.94 -28.68 -6.99
CA VAL A 116 10.08 -29.48 -6.54
C VAL A 116 10.43 -29.04 -5.14
N THR A 117 10.42 -29.97 -4.19
CA THR A 117 10.72 -29.71 -2.79
C THR A 117 11.98 -30.49 -2.44
N VAL A 118 13.13 -29.81 -2.46
CA VAL A 118 14.40 -30.42 -2.08
C VAL A 118 14.43 -30.40 -0.56
N SER A 119 14.02 -31.50 0.06
CA SER A 119 14.00 -31.64 1.50
C SER A 119 14.79 -32.88 1.89
N SER A 120 15.12 -32.95 3.17
CA SER A 120 15.92 -34.03 3.73
C SER A 120 15.22 -34.79 4.83
N ALA A 121 14.21 -34.21 5.45
CA ALA A 121 13.37 -34.97 6.37
C ALA A 121 12.57 -36.00 5.58
N SER A 122 11.99 -36.93 6.32
CA SER A 122 11.15 -37.92 5.69
C SER A 122 9.82 -37.29 5.30
N THR A 123 8.98 -38.10 4.69
CA THR A 123 7.64 -37.75 4.28
C THR A 123 6.65 -38.11 5.38
N LYS A 124 5.52 -37.41 5.41
CA LYS A 124 4.53 -37.62 6.45
C LYS A 124 3.14 -37.58 5.84
N GLY A 125 2.43 -38.70 5.92
CA GLY A 125 1.03 -38.72 5.54
C GLY A 125 0.22 -37.88 6.50
N PRO A 126 -0.82 -37.23 5.97
CA PRO A 126 -1.69 -36.41 6.82
C PRO A 126 -2.79 -37.24 7.47
N SER A 127 -3.41 -36.63 8.48
CA SER A 127 -4.60 -37.17 9.10
C SER A 127 -5.76 -36.23 8.82
N VAL A 128 -6.94 -36.81 8.58
CA VAL A 128 -8.12 -36.07 8.13
C VAL A 128 -9.21 -36.18 9.19
N PHE A 129 -9.55 -35.05 9.80
CA PHE A 129 -10.62 -35.04 10.78
C PHE A 129 -11.71 -34.05 10.34
N PRO A 130 -12.99 -34.43 10.48
CA PRO A 130 -14.07 -33.59 9.96
C PRO A 130 -14.34 -32.39 10.86
N LEU A 131 -15.15 -31.48 10.33
CA LEU A 131 -15.58 -30.26 11.03
C LEU A 131 -17.10 -30.22 10.94
N ALA A 132 -17.76 -30.82 11.93
CA ALA A 132 -19.20 -30.96 11.88
C ALA A 132 -19.86 -29.60 12.11
N PRO A 133 -21.02 -29.37 11.49
CA PRO A 133 -21.70 -28.08 11.67
C PRO A 133 -22.57 -28.00 12.92
N SER A 134 -23.44 -26.99 12.99
CA SER A 134 -24.32 -26.79 14.14
C SER A 134 -25.77 -27.13 13.80
N GLY A 141 -27.74 -17.38 7.75
CA GLY A 141 -28.88 -18.17 8.14
C GLY A 141 -28.66 -19.67 7.98
N THR A 142 -27.54 -20.02 7.33
CA THR A 142 -27.18 -21.41 7.07
C THR A 142 -25.83 -21.71 7.69
N ALA A 143 -25.48 -23.00 7.72
CA ALA A 143 -24.31 -23.48 8.44
C ALA A 143 -23.20 -23.89 7.48
N ALA A 144 -22.01 -24.09 8.04
CA ALA A 144 -20.82 -24.40 7.27
C ALA A 144 -20.06 -25.53 7.95
N LEU A 145 -19.38 -26.34 7.13
CA LEU A 145 -18.67 -27.53 7.59
C LEU A 145 -17.36 -27.64 6.84
N GLY A 146 -16.56 -28.65 7.18
CA GLY A 146 -15.28 -28.80 6.50
C GLY A 146 -14.49 -30.00 6.98
N CYS A 147 -13.21 -30.00 6.57
CA CYS A 147 -12.24 -31.05 6.86
C CYS A 147 -10.96 -30.43 7.37
N LEU A 148 -10.30 -31.12 8.30
CA LEU A 148 -9.03 -30.68 8.87
C LEU A 148 -7.95 -31.67 8.47
N VAL A 149 -6.94 -31.18 7.75
CA VAL A 149 -5.80 -31.99 7.32
C VAL A 149 -4.62 -31.60 8.18
N LYS A 150 -4.19 -32.51 9.06
CA LYS A 150 -3.23 -32.18 10.10
C LYS A 150 -1.97 -33.02 9.96
N ASP A 151 -0.82 -32.37 10.18
CA ASP A 151 0.46 -33.04 10.41
C ASP A 151 0.95 -33.82 9.19
N TYR A 152 1.52 -33.11 8.22
CA TYR A 152 2.03 -33.75 7.02
C TYR A 152 3.26 -33.00 6.53
N PHE A 153 4.01 -33.66 5.63
CA PHE A 153 5.20 -33.03 5.06
C PHE A 153 5.63 -33.77 3.81
N PRO A 154 6.01 -33.07 2.74
CA PRO A 154 5.96 -31.62 2.65
C PRO A 154 4.67 -31.21 1.98
N GLU A 155 4.60 -29.97 1.49
CA GLU A 155 3.50 -29.58 0.64
C GLU A 155 3.60 -30.33 -0.70
N PRO A 156 2.49 -30.41 -1.45
CA PRO A 156 1.15 -29.86 -1.29
C PRO A 156 0.09 -30.84 -0.79
N VAL A 157 -1.17 -30.39 -0.78
CA VAL A 157 -2.32 -31.22 -0.41
C VAL A 157 -3.59 -30.74 -1.12
N THR A 158 -3.76 -31.10 -2.38
CA THR A 158 -5.01 -30.81 -3.08
C THR A 158 -6.20 -31.33 -2.27
N VAL A 159 -7.24 -30.50 -2.16
CA VAL A 159 -8.47 -30.88 -1.49
C VAL A 159 -9.65 -30.49 -2.38
N SER A 160 -10.63 -31.39 -2.48
CA SER A 160 -11.85 -31.10 -3.22
C SER A 160 -13.03 -31.63 -2.43
N TRP A 161 -14.24 -31.35 -2.93
CA TRP A 161 -15.46 -31.73 -2.24
C TRP A 161 -16.39 -32.46 -3.21
N ASN A 162 -16.88 -33.61 -2.77
CA ASN A 162 -17.79 -34.44 -3.56
C ASN A 162 -17.22 -34.67 -4.96
N SER A 163 -15.91 -34.94 -5.01
CA SER A 163 -15.22 -35.30 -6.25
C SER A 163 -15.39 -34.21 -7.32
N GLY A 164 -15.36 -32.95 -6.89
CA GLY A 164 -15.47 -31.82 -7.78
C GLY A 164 -16.86 -31.26 -7.95
N ALA A 165 -17.89 -31.98 -7.54
CA ALA A 165 -19.26 -31.52 -7.76
C ALA A 165 -19.67 -30.40 -6.82
N LEU A 166 -18.83 -30.04 -5.84
CA LEU A 166 -19.14 -28.96 -4.90
C LEU A 166 -17.99 -27.96 -4.94
N THR A 167 -18.19 -26.84 -5.62
CA THR A 167 -17.15 -25.83 -5.78
C THR A 167 -17.55 -24.46 -5.27
N SER A 168 -18.81 -24.08 -5.48
CA SER A 168 -19.27 -22.75 -5.11
C SER A 168 -19.30 -22.60 -3.59
N GLY A 169 -18.47 -21.69 -3.07
CA GLY A 169 -18.47 -21.42 -1.66
C GLY A 169 -17.46 -22.20 -0.86
N VAL A 170 -16.52 -22.85 -1.50
CA VAL A 170 -15.46 -23.57 -0.81
C VAL A 170 -14.32 -22.61 -0.54
N HIS A 171 -13.74 -22.71 0.66
CA HIS A 171 -12.51 -22.01 1.00
C HIS A 171 -11.52 -23.03 1.55
N THR A 172 -10.37 -23.19 0.87
CA THR A 172 -9.29 -24.02 1.36
C THR A 172 -8.14 -23.13 1.77
N PHE A 173 -7.71 -23.25 3.03
CA PHE A 173 -6.72 -22.33 3.59
C PHE A 173 -5.31 -22.71 3.19
N PRO A 174 -4.38 -21.75 3.22
CA PRO A 174 -2.96 -22.08 3.09
C PRO A 174 -2.47 -22.92 4.24
N ALA A 175 -1.39 -23.64 3.98
CA ALA A 175 -0.80 -24.52 4.98
C ALA A 175 0.04 -23.70 5.95
N VAL A 176 -0.20 -23.89 7.23
CA VAL A 176 0.65 -23.30 8.27
C VAL A 176 1.62 -24.37 8.74
N LEU A 177 2.80 -23.92 9.14
CA LEU A 177 3.84 -24.81 9.63
C LEU A 177 3.73 -24.89 11.15
N GLN A 178 3.24 -26.01 11.66
CA GLN A 178 3.07 -26.18 13.09
C GLN A 178 4.42 -26.21 13.80
N SER A 179 4.37 -26.12 15.13
CA SER A 179 5.59 -26.22 15.92
C SER A 179 6.31 -27.55 15.70
N SER A 180 5.56 -28.60 15.40
CA SER A 180 6.12 -29.94 15.16
C SER A 180 6.98 -30.01 13.92
N GLY A 181 6.91 -29.02 13.03
CA GLY A 181 7.56 -29.10 11.75
C GLY A 181 6.72 -29.65 10.62
N LEU A 182 5.45 -29.96 10.87
CA LEU A 182 4.56 -30.52 9.88
C LEU A 182 3.51 -29.49 9.50
N TYR A 183 3.23 -29.37 8.21
CA TYR A 183 2.19 -28.48 7.74
C TYR A 183 0.80 -28.98 8.16
N SER A 184 -0.18 -28.07 8.09
CA SER A 184 -1.54 -28.38 8.53
C SER A 184 -2.50 -27.33 7.98
N LEU A 185 -3.57 -27.77 7.34
CA LEU A 185 -4.55 -26.85 6.77
C LEU A 185 -5.97 -27.37 6.97
N SER A 186 -6.92 -26.46 6.81
CA SER A 186 -8.34 -26.77 6.89
C SER A 186 -9.01 -26.39 5.57
N SER A 187 -10.18 -26.95 5.34
CA SER A 187 -10.93 -26.68 4.11
C SER A 187 -12.41 -26.73 4.45
N VAL A 188 -13.13 -25.64 4.17
CA VAL A 188 -14.49 -25.48 4.64
C VAL A 188 -15.38 -25.05 3.47
N VAL A 189 -16.68 -25.29 3.63
CA VAL A 189 -17.65 -24.92 2.62
C VAL A 189 -18.95 -24.54 3.31
N THR A 190 -19.57 -23.46 2.86
CA THR A 190 -20.88 -23.03 3.34
C THR A 190 -21.98 -23.69 2.50
N VAL A 191 -22.99 -24.21 3.17
CA VAL A 191 -24.06 -24.97 2.50
C VAL A 191 -25.39 -24.64 3.18
N PRO A 192 -26.50 -24.92 2.47
CA PRO A 192 -27.82 -24.71 3.09
C PRO A 192 -28.03 -25.67 4.26
N SER A 193 -28.20 -25.09 5.47
CA SER A 193 -28.47 -25.90 6.65
C SER A 193 -29.73 -26.73 6.51
N SER A 194 -30.69 -26.27 5.71
CA SER A 194 -31.93 -26.97 5.43
C SER A 194 -31.74 -28.16 4.48
N SER A 195 -30.51 -28.43 4.05
CA SER A 195 -30.23 -29.52 3.12
C SER A 195 -29.19 -30.47 3.68
N LEU A 196 -29.20 -30.67 5.01
CA LEU A 196 -28.19 -31.50 5.64
C LEU A 196 -28.60 -32.96 5.74
N GLY A 197 -29.87 -33.24 6.05
CA GLY A 197 -30.30 -34.61 6.23
C GLY A 197 -30.26 -35.44 4.96
N THR A 198 -30.25 -34.80 3.80
CA THR A 198 -30.36 -35.50 2.52
C THR A 198 -29.08 -35.51 1.70
N GLN A 199 -28.30 -34.44 1.73
CA GLN A 199 -27.09 -34.33 0.92
C GLN A 199 -25.88 -34.71 1.76
N THR A 200 -25.13 -35.71 1.31
CA THR A 200 -23.90 -36.11 1.97
C THR A 200 -22.75 -35.28 1.44
N TYR A 201 -21.80 -34.93 2.33
CA TYR A 201 -20.63 -34.13 1.97
C TYR A 201 -19.38 -34.91 2.35
N ILE A 202 -18.55 -35.23 1.36
CA ILE A 202 -17.28 -35.91 1.57
C ILE A 202 -16.19 -35.06 0.93
N CYS A 203 -15.09 -34.87 1.66
CA CYS A 203 -13.94 -34.13 1.15
C CYS A 203 -12.92 -35.11 0.60
N ASN A 204 -12.34 -34.76 -0.55
CA ASN A 204 -11.41 -35.64 -1.25
C ASN A 204 -10.00 -35.07 -1.05
N VAL A 205 -9.35 -35.52 0.04
CA VAL A 205 -8.00 -35.08 0.35
C VAL A 205 -7.01 -35.86 -0.52
N ASN A 206 -5.95 -35.17 -0.94
CA ASN A 206 -4.92 -35.78 -1.79
C ASN A 206 -3.57 -35.16 -1.43
N HIS A 207 -2.66 -35.99 -0.92
CA HIS A 207 -1.28 -35.60 -0.62
C HIS A 207 -0.38 -36.54 -1.41
N LYS A 208 -0.08 -36.14 -2.65
CA LYS A 208 0.65 -36.94 -3.62
C LYS A 208 2.08 -37.28 -3.21
N PRO A 209 2.81 -36.42 -2.47
CA PRO A 209 4.16 -36.83 -2.03
C PRO A 209 4.19 -38.09 -1.17
N SER A 210 3.10 -38.44 -0.49
CA SER A 210 3.05 -39.65 0.32
C SER A 210 2.01 -40.65 -0.17
N ASN A 211 1.50 -40.47 -1.38
CA ASN A 211 0.47 -41.32 -1.98
C ASN A 211 -0.65 -41.60 -0.97
N THR A 212 -1.31 -40.52 -0.57
CA THR A 212 -2.33 -40.56 0.46
C THR A 212 -3.58 -39.91 -0.13
N LYS A 213 -4.49 -40.75 -0.62
CA LYS A 213 -5.79 -40.32 -1.10
C LYS A 213 -6.80 -40.76 -0.06
N VAL A 214 -7.47 -39.81 0.58
CA VAL A 214 -8.36 -40.08 1.70
C VAL A 214 -9.67 -39.33 1.51
N ASP A 215 -10.77 -39.95 1.94
CA ASP A 215 -12.10 -39.34 1.95
C ASP A 215 -12.69 -39.42 3.36
N LYS A 216 -13.53 -38.45 3.70
CA LYS A 216 -14.20 -38.46 4.99
C LYS A 216 -15.58 -37.82 4.86
N ARG A 217 -16.61 -38.52 5.30
CA ARG A 217 -17.94 -37.92 5.38
C ARG A 217 -17.99 -36.91 6.52
N VAL A 218 -18.80 -35.88 6.36
CA VAL A 218 -18.84 -34.80 7.35
C VAL A 218 -20.27 -34.68 7.87
N GLU A 219 -20.82 -35.76 8.41
CA GLU A 219 -22.14 -35.72 8.97
C GLU A 219 -22.14 -34.89 10.26
N PRO A 220 -23.31 -34.34 10.67
CA PRO A 220 -23.43 -33.63 11.95
C PRO A 220 -23.31 -34.56 13.16
N ASP B 1 24.16 -8.38 -14.40
CA ASP B 1 22.92 -8.45 -15.16
C ASP B 1 22.09 -7.21 -14.88
N ILE B 2 21.04 -7.04 -15.70
CA ILE B 2 20.13 -5.91 -15.64
C ILE B 2 19.18 -6.11 -14.46
N GLN B 3 19.37 -5.35 -13.39
CA GLN B 3 18.48 -5.41 -12.24
C GLN B 3 17.14 -4.76 -12.58
N MET B 4 16.08 -5.23 -11.92
CA MET B 4 14.73 -4.68 -12.12
C MET B 4 14.08 -4.36 -10.79
N THR B 5 13.58 -3.12 -10.67
CA THR B 5 12.89 -2.65 -9.47
C THR B 5 11.47 -2.26 -9.82
N GLN B 6 10.50 -2.76 -9.05
CA GLN B 6 9.11 -2.37 -9.17
C GLN B 6 8.66 -1.58 -7.95
N SER B 7 7.69 -0.69 -8.14
CA SER B 7 7.03 -0.01 -7.02
C SER B 7 5.64 0.43 -7.46
N PRO B 8 4.65 0.41 -6.55
CA PRO B 8 4.84 0.07 -5.13
C PRO B 8 4.87 -1.43 -4.88
N SER B 9 5.39 -1.83 -3.72
CA SER B 9 5.40 -3.24 -3.35
C SER B 9 3.99 -3.79 -3.21
N THR B 10 3.17 -3.15 -2.37
CA THR B 10 1.75 -3.45 -2.27
C THR B 10 0.95 -2.16 -2.43
N LEU B 11 -0.35 -2.32 -2.69
CA LEU B 11 -1.25 -1.19 -2.76
C LEU B 11 -2.68 -1.71 -2.66
N SER B 12 -3.53 -0.95 -1.98
CA SER B 12 -4.96 -1.23 -1.97
C SER B 12 -5.69 -0.08 -2.64
N ALA B 13 -6.71 -0.40 -3.41
CA ALA B 13 -7.53 0.61 -4.07
C ALA B 13 -8.92 0.01 -4.24
N SER B 14 -9.83 0.78 -4.84
CA SER B 14 -11.23 0.41 -4.84
C SER B 14 -11.70 0.12 -6.26
N VAL B 15 -12.74 -0.71 -6.37
CA VAL B 15 -13.28 -1.02 -7.68
C VAL B 15 -13.65 0.27 -8.39
N GLY B 16 -13.16 0.42 -9.61
CA GLY B 16 -13.31 1.64 -10.38
C GLY B 16 -12.06 2.50 -10.44
N ASP B 17 -11.20 2.46 -9.42
CA ASP B 17 -10.08 3.39 -9.31
C ASP B 17 -9.02 3.12 -10.39
N ARG B 18 -8.23 4.15 -10.68
CA ARG B 18 -7.15 4.03 -11.66
C ARG B 18 -5.87 3.68 -10.93
N VAL B 19 -5.44 2.42 -11.05
CA VAL B 19 -4.19 1.95 -10.44
C VAL B 19 -3.05 2.16 -11.43
N THR B 20 -1.89 2.55 -10.89
CA THR B 20 -0.71 2.85 -11.67
C THR B 20 0.50 2.31 -10.93
N MET B 21 1.22 1.38 -11.55
CA MET B 21 2.49 0.91 -11.01
C MET B 21 3.61 1.18 -12.00
N THR B 22 4.82 1.14 -11.48
CA THR B 22 6.00 1.61 -12.18
C THR B 22 7.10 0.56 -12.05
N CYS B 23 8.01 0.53 -13.02
CA CYS B 23 9.23 -0.25 -12.84
C CYS B 23 10.35 0.39 -13.63
N ARG B 24 11.56 0.32 -13.05
CA ARG B 24 12.75 0.93 -13.62
C ARG B 24 13.82 -0.13 -13.81
N ALA B 25 14.62 0.02 -14.87
CA ALA B 25 15.66 -0.93 -15.19
C ALA B 25 17.02 -0.26 -15.03
N SER B 26 17.97 -1.05 -14.56
CA SER B 26 19.33 -0.57 -14.29
C SER B 26 20.08 -0.13 -15.55
N GLN B 27 19.48 -0.23 -16.74
CA GLN B 27 20.07 0.31 -17.97
C GLN B 27 19.04 0.21 -19.08
N THR B 28 19.32 0.90 -20.19
CA THR B 28 18.39 0.98 -21.32
C THR B 28 17.97 -0.41 -21.78
N ILE B 29 16.67 -0.68 -21.72
CA ILE B 29 16.08 -1.88 -22.27
C ILE B 29 15.10 -1.45 -23.35
N SER B 30 15.48 -0.44 -24.12
CA SER B 30 14.70 0.09 -25.24
C SER B 30 13.21 0.07 -24.94
N GLY B 31 12.48 -0.78 -25.65
CA GLY B 31 11.06 -0.98 -25.39
C GLY B 31 10.77 -2.44 -25.10
N TRP B 32 11.82 -3.20 -24.83
CA TRP B 32 11.74 -4.65 -24.63
C TRP B 32 11.30 -4.98 -23.19
N LEU B 33 10.06 -4.63 -22.88
CA LEU B 33 9.49 -4.87 -21.55
C LEU B 33 8.09 -5.44 -21.66
N ALA B 34 7.76 -6.35 -20.71
CA ALA B 34 6.47 -7.01 -20.66
C ALA B 34 5.94 -7.07 -19.22
N TRP B 35 4.62 -7.17 -19.08
CA TRP B 35 3.94 -7.14 -17.78
C TRP B 35 3.11 -8.41 -17.57
N TYR B 36 3.20 -8.99 -16.38
CA TYR B 36 2.51 -10.23 -16.10
C TYR B 36 1.64 -10.11 -14.86
N GLN B 37 0.47 -10.74 -14.93
CA GLN B 37 -0.41 -10.90 -13.79
C GLN B 37 -0.31 -12.33 -13.28
N GLN B 38 -0.24 -12.50 -11.96
CA GLN B 38 -0.12 -13.85 -11.38
C GLN B 38 -0.93 -13.95 -10.09
N LYS B 39 -2.15 -14.46 -10.18
CA LYS B 39 -2.89 -14.78 -8.96
C LYS B 39 -2.23 -15.98 -8.29
N PRO B 40 -2.36 -16.10 -6.97
CA PRO B 40 -1.59 -17.12 -6.26
C PRO B 40 -1.96 -18.52 -6.71
N GLY B 41 -0.94 -19.38 -6.81
CA GLY B 41 -1.15 -20.77 -7.14
C GLY B 41 -1.32 -21.06 -8.62
N LYS B 42 -1.74 -20.06 -9.37
CA LYS B 42 -1.80 -20.14 -10.82
C LYS B 42 -0.48 -19.65 -11.42
N ALA B 43 -0.36 -19.72 -12.76
CA ALA B 43 0.83 -19.26 -13.50
C ALA B 43 0.67 -17.82 -13.96
N PRO B 44 1.73 -17.18 -14.42
CA PRO B 44 1.60 -15.79 -14.88
C PRO B 44 0.85 -15.70 -16.21
N LYS B 45 0.10 -14.61 -16.36
CA LYS B 45 -0.55 -14.28 -17.62
C LYS B 45 0.09 -12.99 -18.12
N LEU B 46 0.79 -13.08 -19.24
CA LEU B 46 1.29 -11.90 -19.93
C LEU B 46 0.13 -10.99 -20.32
N LEU B 47 0.29 -9.69 -20.06
CA LEU B 47 -0.69 -8.66 -20.38
C LEU B 47 -0.22 -7.71 -21.46
N ILE B 48 1.04 -7.28 -21.39
CA ILE B 48 1.61 -6.24 -22.23
C ILE B 48 2.97 -6.74 -22.69
N TYR B 49 3.32 -6.45 -23.93
CA TYR B 49 4.67 -6.76 -24.41
C TYR B 49 5.13 -5.61 -25.28
N GLN B 50 6.46 -5.42 -25.35
CA GLN B 50 7.06 -4.25 -26.00
C GLN B 50 6.56 -2.95 -25.36
N ALA B 51 6.69 -2.87 -24.03
CA ALA B 51 6.34 -1.71 -23.22
C ALA B 51 4.85 -1.33 -23.24
N SER B 52 4.19 -1.50 -24.39
CA SER B 52 2.88 -0.89 -24.61
C SER B 52 1.94 -1.67 -25.51
N ARG B 53 2.34 -2.81 -26.08
CA ARG B 53 1.45 -3.60 -26.92
C ARG B 53 0.59 -4.52 -26.04
N LEU B 54 -0.72 -4.32 -26.10
CA LEU B 54 -1.66 -5.16 -25.35
C LEU B 54 -1.74 -6.57 -25.95
N GLU B 55 -1.52 -7.57 -25.10
CA GLU B 55 -1.65 -8.94 -25.57
C GLU B 55 -3.09 -9.23 -26.00
N SER B 56 -3.27 -10.31 -26.76
CA SER B 56 -4.57 -10.66 -27.28
C SER B 56 -5.45 -11.26 -26.19
N GLY B 57 -6.69 -10.76 -26.09
CA GLY B 57 -7.61 -11.20 -25.07
C GLY B 57 -7.52 -10.48 -23.74
N ILE B 58 -6.44 -9.73 -23.51
CA ILE B 58 -6.34 -8.97 -22.27
C ILE B 58 -7.29 -7.78 -22.32
N PRO B 59 -7.98 -7.46 -21.23
CA PRO B 59 -8.95 -6.35 -21.26
C PRO B 59 -8.29 -5.00 -21.53
N SER B 60 -9.05 -4.12 -22.16
CA SER B 60 -8.50 -2.85 -22.62
C SER B 60 -8.08 -1.93 -21.47
N ARG B 61 -8.62 -2.11 -20.26
CA ARG B 61 -8.28 -1.23 -19.14
C ARG B 61 -6.80 -1.28 -18.81
N PHE B 62 -6.16 -2.43 -19.05
CA PHE B 62 -4.71 -2.57 -18.91
C PHE B 62 -4.01 -1.87 -20.05
N SER B 63 -3.04 -1.01 -19.73
CA SER B 63 -2.25 -0.31 -20.72
C SER B 63 -0.81 -0.27 -20.25
N GLY B 64 0.10 0.00 -21.18
CA GLY B 64 1.50 0.18 -20.84
C GLY B 64 2.10 1.34 -21.59
N SER B 65 3.19 1.87 -21.05
CA SER B 65 3.92 2.96 -21.70
C SER B 65 5.28 3.12 -21.03
N GLY B 66 6.25 3.57 -21.82
CA GLY B 66 7.60 3.67 -21.31
C GLY B 66 8.66 3.39 -22.34
N SER B 67 9.90 3.77 -22.01
CA SER B 67 11.01 3.72 -22.95
C SER B 67 12.30 3.70 -22.16
N GLY B 68 13.30 3.03 -22.73
CA GLY B 68 14.63 3.09 -22.18
C GLY B 68 14.77 2.50 -20.80
N THR B 69 14.34 3.22 -19.78
CA THR B 69 14.68 2.85 -18.42
C THR B 69 13.52 2.83 -17.45
N GLU B 70 12.42 3.56 -17.68
CA GLU B 70 11.27 3.53 -16.78
C GLU B 70 10.00 3.23 -17.55
N PHE B 71 9.14 2.39 -16.96
CA PHE B 71 7.93 1.92 -17.61
C PHE B 71 6.78 1.94 -16.61
N THR B 72 5.55 2.04 -17.12
CA THR B 72 4.36 2.09 -16.29
C THR B 72 3.25 1.21 -16.84
N LEU B 73 2.67 0.39 -15.96
CA LEU B 73 1.43 -0.34 -16.23
C LEU B 73 0.28 0.36 -15.53
N THR B 74 -0.83 0.52 -16.23
CA THR B 74 -1.95 1.31 -15.72
C THR B 74 -3.27 0.58 -15.92
N ILE B 75 -3.90 0.18 -14.82
CA ILE B 75 -5.25 -0.33 -14.84
C ILE B 75 -6.21 0.84 -14.74
N SER B 76 -7.00 1.07 -15.80
CA SER B 76 -7.80 2.29 -15.86
C SER B 76 -8.95 2.26 -14.87
N SER B 77 -9.59 1.11 -14.70
CA SER B 77 -10.74 0.98 -13.80
C SER B 77 -10.65 -0.38 -13.12
N LEU B 78 -10.12 -0.40 -11.89
CA LEU B 78 -9.91 -1.65 -11.18
C LEU B 78 -11.19 -2.48 -11.15
N GLN B 79 -11.01 -3.79 -11.13
CA GLN B 79 -12.11 -4.75 -11.12
C GLN B 79 -11.77 -5.87 -10.16
N PRO B 80 -12.78 -6.48 -9.52
CA PRO B 80 -12.49 -7.47 -8.48
C PRO B 80 -11.61 -8.60 -8.98
N ASP B 81 -11.63 -8.86 -10.29
CA ASP B 81 -10.79 -9.90 -10.88
C ASP B 81 -9.32 -9.51 -10.96
N ASP B 82 -8.94 -8.31 -10.52
CA ASP B 82 -7.55 -7.88 -10.70
C ASP B 82 -6.69 -8.09 -9.49
N VAL B 83 -7.26 -8.56 -8.37
CA VAL B 83 -6.46 -8.91 -7.20
C VAL B 83 -5.42 -9.95 -7.59
N ALA B 84 -4.18 -9.50 -7.79
CA ALA B 84 -3.07 -10.37 -8.11
C ALA B 84 -1.79 -9.61 -7.83
N THR B 85 -0.67 -10.32 -7.91
CA THR B 85 0.63 -9.66 -7.98
C THR B 85 0.97 -9.42 -9.45
N TYR B 86 1.74 -8.38 -9.73
CA TYR B 86 2.05 -7.97 -11.09
C TYR B 86 3.56 -7.89 -11.23
N TYR B 87 4.11 -8.63 -12.19
CA TYR B 87 5.53 -8.69 -12.46
C TYR B 87 5.84 -8.05 -13.81
N CYS B 88 7.02 -7.43 -13.88
CA CYS B 88 7.58 -6.94 -15.13
C CYS B 88 8.78 -7.79 -15.53
N GLN B 89 9.06 -7.80 -16.83
CA GLN B 89 10.15 -8.58 -17.38
C GLN B 89 10.87 -7.73 -18.41
N GLN B 90 12.18 -7.62 -18.27
CA GLN B 90 13.00 -7.09 -19.34
C GLN B 90 13.46 -8.25 -20.20
N TYR B 91 13.67 -7.98 -21.48
CA TYR B 91 14.26 -8.96 -22.36
C TYR B 91 15.06 -8.27 -23.45
N SER B 92 15.86 -7.28 -23.06
CA SER B 92 16.86 -6.73 -23.96
C SER B 92 18.09 -7.61 -23.96
N THR B 93 18.59 -7.97 -22.78
CA THR B 93 19.72 -8.86 -22.62
C THR B 93 19.36 -9.84 -21.52
N PHE B 94 19.16 -11.11 -21.91
CA PHE B 94 18.70 -12.22 -21.06
C PHE B 94 17.30 -11.87 -20.55
N TRP B 95 16.96 -12.30 -19.34
CA TRP B 95 15.68 -12.01 -18.72
C TRP B 95 15.93 -11.56 -17.30
N THR B 96 15.14 -10.60 -16.85
CA THR B 96 15.10 -10.29 -15.43
C THR B 96 13.68 -9.91 -15.07
N PHE B 97 13.23 -10.40 -13.93
CA PHE B 97 11.87 -10.15 -13.46
C PHE B 97 11.87 -9.23 -12.23
N GLY B 98 10.89 -8.35 -12.17
CA GLY B 98 10.68 -7.59 -10.95
C GLY B 98 10.24 -8.49 -9.82
N LEU B 99 10.19 -7.93 -8.61
CA LEU B 99 9.71 -8.68 -7.46
C LEU B 99 8.21 -8.54 -7.26
N GLY B 100 7.55 -7.64 -7.96
CA GLY B 100 6.10 -7.64 -7.98
C GLY B 100 5.49 -6.36 -7.40
N THR B 101 4.19 -6.21 -7.65
CA THR B 101 3.35 -5.19 -7.06
C THR B 101 2.04 -5.88 -6.67
N LYS B 102 1.81 -6.11 -5.39
CA LYS B 102 0.59 -6.82 -5.00
C LYS B 102 -0.56 -5.82 -4.91
N VAL B 103 -1.62 -6.06 -5.67
CA VAL B 103 -2.80 -5.20 -5.69
C VAL B 103 -3.90 -5.87 -4.89
N GLU B 104 -4.33 -5.21 -3.83
CA GLU B 104 -5.50 -5.60 -3.06
C GLU B 104 -6.64 -4.63 -3.35
N ILE B 105 -7.87 -5.03 -3.05
CA ILE B 105 -9.04 -4.28 -3.47
C ILE B 105 -9.81 -3.79 -2.27
N LYS B 106 -10.25 -2.52 -2.33
CA LYS B 106 -11.01 -1.87 -1.28
C LYS B 106 -12.50 -1.92 -1.60
N ARG B 107 -13.26 -2.44 -0.66
CA ARG B 107 -14.70 -2.58 -0.83
C ARG B 107 -15.40 -2.05 0.41
N THR B 108 -16.73 -2.16 0.40
CA THR B 108 -17.53 -1.87 1.57
C THR B 108 -17.12 -2.79 2.72
N VAL B 109 -17.37 -2.32 3.94
CA VAL B 109 -17.05 -3.13 5.10
C VAL B 109 -18.01 -4.31 5.15
N ALA B 110 -17.51 -5.46 5.59
CA ALA B 110 -18.33 -6.65 5.69
C ALA B 110 -17.96 -7.37 6.97
N ALA B 111 -18.92 -7.49 7.87
CA ALA B 111 -18.71 -8.22 9.12
C ALA B 111 -18.48 -9.70 8.83
N PRO B 112 -17.72 -10.39 9.66
CA PRO B 112 -17.47 -11.82 9.45
C PRO B 112 -18.70 -12.63 9.81
N SER B 113 -18.55 -13.95 9.70
CA SER B 113 -19.63 -14.89 9.98
C SER B 113 -18.95 -16.05 10.69
N VAL B 114 -19.07 -16.10 12.01
CA VAL B 114 -18.23 -16.97 12.82
C VAL B 114 -18.87 -18.34 12.98
N PHE B 115 -18.07 -19.38 12.79
CA PHE B 115 -18.43 -20.76 13.07
C PHE B 115 -17.35 -21.37 13.95
N ILE B 116 -17.75 -22.34 14.77
CA ILE B 116 -16.80 -23.05 15.63
C ILE B 116 -17.00 -24.55 15.44
N PHE B 117 -15.91 -25.30 15.59
CA PHE B 117 -15.93 -26.74 15.36
C PHE B 117 -15.24 -27.46 16.50
N PRO B 118 -15.93 -28.34 17.21
CA PRO B 118 -15.27 -29.17 18.23
C PRO B 118 -14.38 -30.21 17.59
N PRO B 119 -13.39 -30.73 18.31
CA PRO B 119 -12.52 -31.76 17.72
C PRO B 119 -13.28 -33.07 17.56
N SER B 120 -12.98 -33.77 16.48
CA SER B 120 -13.62 -35.05 16.21
C SER B 120 -13.02 -36.14 17.10
N ASP B 121 -13.76 -37.24 17.24
CA ASP B 121 -13.30 -38.33 18.10
C ASP B 121 -12.18 -39.14 17.45
N GLU B 122 -12.15 -39.21 16.11
CA GLU B 122 -10.99 -39.79 15.43
C GLU B 122 -9.70 -39.14 15.89
N GLN B 123 -9.73 -37.84 16.14
CA GLN B 123 -8.53 -37.12 16.57
C GLN B 123 -8.30 -37.27 18.08
N LEU B 124 -9.38 -37.25 18.87
CA LEU B 124 -9.24 -37.42 20.31
C LEU B 124 -8.67 -38.79 20.67
N LYS B 125 -8.87 -39.79 19.81
CA LYS B 125 -8.27 -41.10 19.98
C LYS B 125 -6.80 -41.14 19.57
N SER B 126 -6.08 -40.02 19.66
CA SER B 126 -4.67 -40.00 19.30
C SER B 126 -3.83 -39.10 20.20
N GLY B 127 -4.42 -38.45 21.21
CA GLY B 127 -3.65 -37.63 22.13
C GLY B 127 -3.59 -36.16 21.78
N THR B 128 -4.40 -35.71 20.82
CA THR B 128 -4.36 -34.31 20.41
C THR B 128 -5.75 -33.89 19.96
N ALA B 129 -6.13 -32.66 20.31
CA ALA B 129 -7.43 -32.09 19.99
C ALA B 129 -7.23 -30.72 19.36
N SER B 130 -7.89 -30.49 18.22
CA SER B 130 -7.80 -29.22 17.52
C SER B 130 -9.17 -28.56 17.53
N VAL B 131 -9.22 -27.30 17.97
CA VAL B 131 -10.43 -26.49 17.91
C VAL B 131 -10.19 -25.41 16.87
N VAL B 132 -11.07 -25.35 15.87
CA VAL B 132 -10.96 -24.40 14.77
C VAL B 132 -12.09 -23.39 14.88
N CYS B 133 -11.75 -22.11 14.75
CA CYS B 133 -12.71 -21.02 14.70
C CYS B 133 -12.65 -20.43 13.31
N LEU B 134 -13.80 -20.30 12.66
CA LEU B 134 -13.88 -19.89 11.26
C LEU B 134 -14.53 -18.51 11.16
N LEU B 135 -13.83 -17.58 10.51
CA LEU B 135 -14.36 -16.27 10.18
C LEU B 135 -14.51 -16.25 8.67
N ASN B 136 -15.74 -16.18 8.19
CA ASN B 136 -16.01 -16.40 6.77
C ASN B 136 -16.53 -15.14 6.10
N ASN B 137 -15.85 -14.71 5.04
CA ASN B 137 -16.23 -13.57 4.22
C ASN B 137 -16.30 -12.29 5.04
N PHE B 138 -15.22 -11.52 5.05
CA PHE B 138 -15.19 -10.29 5.82
C PHE B 138 -14.11 -9.36 5.27
N TYR B 139 -14.35 -8.05 5.41
CA TYR B 139 -13.44 -7.02 4.96
C TYR B 139 -13.47 -5.90 5.99
N PRO B 140 -12.32 -5.37 6.40
CA PRO B 140 -10.98 -5.69 5.89
C PRO B 140 -10.31 -6.90 6.54
N ARG B 141 -9.02 -7.08 6.23
CA ARG B 141 -8.30 -8.30 6.58
C ARG B 141 -8.08 -8.46 8.08
N GLU B 142 -8.05 -7.35 8.83
CA GLU B 142 -7.61 -7.41 10.21
C GLU B 142 -8.75 -7.85 11.11
N ALA B 143 -8.43 -8.71 12.08
CA ALA B 143 -9.42 -9.23 13.02
C ALA B 143 -8.74 -10.05 14.12
N LYS B 144 -8.67 -9.52 15.33
CA LYS B 144 -8.06 -10.25 16.43
C LYS B 144 -9.02 -11.32 16.90
N VAL B 145 -8.56 -12.57 16.91
CA VAL B 145 -9.33 -13.70 17.41
C VAL B 145 -8.74 -14.12 18.73
N GLN B 146 -9.51 -13.96 19.80
CA GLN B 146 -9.12 -14.41 21.13
C GLN B 146 -9.85 -15.71 21.45
N TRP B 147 -9.13 -16.64 22.06
CA TRP B 147 -9.71 -17.86 22.58
C TRP B 147 -9.97 -17.70 24.08
N LYS B 148 -10.96 -18.43 24.57
CA LYS B 148 -11.29 -18.43 26.00
C LYS B 148 -11.69 -19.84 26.40
N VAL B 149 -11.00 -20.38 27.40
CA VAL B 149 -11.31 -21.68 27.98
C VAL B 149 -11.84 -21.41 29.39
N ASP B 150 -13.17 -21.47 29.52
CA ASP B 150 -13.84 -21.08 30.77
C ASP B 150 -13.42 -19.67 31.18
N ASN B 151 -13.61 -18.72 30.25
CA ASN B 151 -13.27 -17.31 30.47
C ASN B 151 -11.81 -17.13 30.87
N ALA B 152 -10.91 -17.88 30.21
CA ALA B 152 -9.47 -17.77 30.42
C ALA B 152 -8.80 -17.56 29.06
N LEU B 153 -8.26 -16.36 28.84
CA LEU B 153 -7.66 -16.04 27.55
C LEU B 153 -6.42 -16.89 27.28
N GLN B 154 -6.17 -17.14 25.99
CA GLN B 154 -5.15 -18.08 25.55
C GLN B 154 -4.03 -17.35 24.80
N SER B 155 -2.88 -18.00 24.71
CA SER B 155 -1.73 -17.49 23.98
C SER B 155 -0.72 -18.63 23.82
N GLY B 156 -0.13 -18.72 22.63
CA GLY B 156 0.93 -19.66 22.38
C GLY B 156 0.50 -21.01 21.90
N ASN B 157 -0.62 -21.09 21.17
CA ASN B 157 -1.09 -22.36 20.62
C ASN B 157 -2.05 -22.12 19.47
N SER B 158 -2.60 -20.91 19.38
CA SER B 158 -3.55 -20.57 18.34
C SER B 158 -2.80 -20.11 17.10
N GLN B 159 -2.85 -20.91 16.04
CA GLN B 159 -2.29 -20.54 14.75
C GLN B 159 -3.41 -20.07 13.82
N GLU B 160 -3.13 -19.01 13.06
CA GLU B 160 -4.13 -18.38 12.21
C GLU B 160 -3.69 -18.44 10.76
N SER B 161 -4.57 -18.92 9.89
CA SER B 161 -4.38 -18.88 8.46
C SER B 161 -5.53 -18.08 7.84
N VAL B 162 -5.28 -17.48 6.68
CA VAL B 162 -6.24 -16.58 6.06
C VAL B 162 -6.15 -16.73 4.54
N THR B 163 -7.32 -16.81 3.89
CA THR B 163 -7.35 -17.00 2.45
C THR B 163 -6.91 -15.75 1.72
N GLU B 164 -6.43 -15.94 0.50
CA GLU B 164 -6.22 -14.79 -0.37
C GLU B 164 -7.55 -14.11 -0.60
N GLN B 165 -7.49 -12.79 -0.79
CA GLN B 165 -8.68 -12.00 -1.07
C GLN B 165 -9.52 -12.67 -2.14
N ASP B 166 -10.80 -12.85 -1.85
CA ASP B 166 -11.69 -13.61 -2.71
C ASP B 166 -11.81 -12.95 -4.08
N SER B 167 -11.92 -13.78 -5.11
CA SER B 167 -11.96 -13.29 -6.49
C SER B 167 -13.33 -12.79 -6.90
N LYS B 168 -14.38 -13.12 -6.13
CA LYS B 168 -15.75 -12.78 -6.46
C LYS B 168 -16.24 -11.57 -5.67
N ASP B 169 -16.14 -11.62 -4.33
CA ASP B 169 -16.60 -10.57 -3.43
C ASP B 169 -15.47 -9.80 -2.78
N SER B 170 -14.21 -10.12 -3.11
CA SER B 170 -13.02 -9.42 -2.61
C SER B 170 -12.98 -9.34 -1.08
N THR B 171 -13.46 -10.39 -0.41
CA THR B 171 -13.35 -10.49 1.03
C THR B 171 -12.33 -11.54 1.42
N TYR B 172 -12.08 -11.64 2.72
CA TYR B 172 -11.17 -12.62 3.28
C TYR B 172 -11.94 -13.63 4.12
N SER B 173 -11.26 -14.72 4.46
CA SER B 173 -11.79 -15.69 5.39
C SER B 173 -10.62 -16.25 6.20
N LEU B 174 -10.84 -16.44 7.50
CA LEU B 174 -9.74 -16.68 8.43
C LEU B 174 -10.01 -17.92 9.27
N SER B 175 -8.98 -18.76 9.38
CA SER B 175 -8.99 -19.93 10.25
C SER B 175 -8.17 -19.64 11.50
N SER B 176 -8.58 -20.23 12.62
CA SER B 176 -7.81 -20.17 13.85
C SER B 176 -7.85 -21.57 14.48
N THR B 177 -6.80 -22.35 14.27
CA THR B 177 -6.69 -23.66 14.88
C THR B 177 -6.03 -23.52 16.24
N LEU B 178 -6.44 -24.36 17.19
CA LEU B 178 -5.96 -24.30 18.57
C LEU B 178 -5.23 -25.60 18.91
N THR B 179 -3.91 -25.52 19.05
CA THR B 179 -3.09 -26.68 19.39
C THR B 179 -3.29 -27.02 20.87
N LEU B 180 -3.61 -28.29 21.14
CA LEU B 180 -3.86 -28.74 22.50
C LEU B 180 -3.90 -30.27 22.53
N SER B 181 -3.43 -30.84 23.64
CA SER B 181 -3.37 -32.29 23.83
C SER B 181 -4.70 -32.82 24.35
N LYS B 182 -4.90 -34.14 24.16
CA LYS B 182 -6.11 -34.79 24.65
C LYS B 182 -6.17 -34.79 26.18
N ALA B 183 -5.03 -34.64 26.85
CA ALA B 183 -5.03 -34.52 28.30
C ALA B 183 -5.64 -33.20 28.74
N ASP B 184 -5.02 -32.08 28.37
CA ASP B 184 -5.50 -30.78 28.80
C ASP B 184 -6.89 -30.44 28.23
N TYR B 185 -7.28 -31.08 27.13
CA TYR B 185 -8.57 -30.78 26.52
C TYR B 185 -9.71 -31.15 27.45
N GLU B 186 -9.75 -32.40 27.91
CA GLU B 186 -10.83 -32.85 28.76
C GLU B 186 -10.77 -32.25 30.17
N LYS B 187 -9.68 -31.57 30.51
CA LYS B 187 -9.55 -30.93 31.82
C LYS B 187 -10.58 -29.83 32.03
N HIS B 188 -11.13 -29.26 30.95
CA HIS B 188 -12.01 -28.11 31.04
C HIS B 188 -13.37 -28.44 30.42
N LYS B 189 -14.23 -27.42 30.30
CA LYS B 189 -15.62 -27.63 29.90
C LYS B 189 -15.96 -26.95 28.57
N VAL B 190 -16.37 -25.69 28.63
CA VAL B 190 -16.92 -24.97 27.48
C VAL B 190 -15.82 -24.16 26.81
N TYR B 191 -15.80 -24.22 25.48
CA TYR B 191 -14.82 -23.50 24.66
C TYR B 191 -15.53 -22.49 23.77
N ALA B 192 -14.82 -21.40 23.44
CA ALA B 192 -15.38 -20.35 22.61
C ALA B 192 -14.26 -19.43 22.11
N CYS B 193 -14.50 -18.81 20.96
CA CYS B 193 -13.61 -17.79 20.41
C CYS B 193 -14.34 -16.47 20.35
N GLU B 194 -13.61 -15.39 20.63
CA GLU B 194 -14.15 -14.03 20.58
C GLU B 194 -13.57 -13.35 19.35
N VAL B 195 -14.45 -13.00 18.41
CA VAL B 195 -14.05 -12.39 17.15
C VAL B 195 -14.39 -10.91 17.20
N THR B 196 -13.35 -10.08 17.21
CA THR B 196 -13.49 -8.64 17.21
C THR B 196 -13.08 -8.14 15.83
N HIS B 197 -14.05 -7.68 15.05
CA HIS B 197 -13.78 -7.16 13.72
C HIS B 197 -14.38 -5.77 13.59
N GLN B 198 -13.81 -4.99 12.67
CA GLN B 198 -14.20 -3.60 12.50
C GLN B 198 -15.67 -3.45 12.10
N GLY B 199 -16.23 -4.44 11.42
CA GLY B 199 -17.61 -4.38 10.98
C GLY B 199 -18.60 -4.93 11.97
N LEU B 200 -18.18 -5.02 13.24
CA LEU B 200 -19.03 -5.49 14.32
C LEU B 200 -19.16 -4.38 15.34
N SER B 201 -20.40 -4.08 15.73
CA SER B 201 -20.62 -3.12 16.80
C SER B 201 -20.03 -3.62 18.11
N SER B 202 -20.24 -4.90 18.42
CA SER B 202 -19.69 -5.54 19.61
C SER B 202 -19.05 -6.85 19.24
N PRO B 203 -18.05 -7.31 20.00
CA PRO B 203 -17.39 -8.57 19.69
C PRO B 203 -18.35 -9.76 19.80
N VAL B 204 -18.34 -10.60 18.78
CA VAL B 204 -19.20 -11.77 18.69
C VAL B 204 -18.47 -12.97 19.27
N THR B 205 -19.20 -13.83 19.97
CA THR B 205 -18.64 -15.03 20.57
C THR B 205 -19.53 -16.23 20.24
N LYS B 206 -18.91 -17.30 19.75
CA LYS B 206 -19.59 -18.57 19.51
C LYS B 206 -18.94 -19.62 20.40
N SER B 207 -19.77 -20.38 21.13
CA SER B 207 -19.27 -21.36 22.09
C SER B 207 -19.83 -22.74 21.78
N PHE B 208 -19.36 -23.73 22.55
CA PHE B 208 -19.89 -25.08 22.50
C PHE B 208 -19.52 -25.82 23.77
N ASN B 209 -20.41 -26.70 24.21
CA ASN B 209 -20.20 -27.52 25.40
C ASN B 209 -19.63 -28.88 25.02
N ARG B 210 -18.72 -29.38 25.86
CA ARG B 210 -18.25 -30.75 25.72
C ARG B 210 -19.38 -31.74 25.97
N GLY B 211 -20.33 -31.84 25.04
CA GLY B 211 -21.45 -32.75 25.20
C GLY B 211 -22.57 -32.50 24.22
N GLU B 212 -23.17 -31.32 24.28
CA GLU B 212 -24.24 -30.95 23.37
C GLU B 212 -23.66 -30.53 22.00
N TYR C 8 31.17 -19.85 -28.69
CA TYR C 8 30.23 -19.99 -27.58
C TYR C 8 28.87 -19.36 -27.89
N SER C 9 28.18 -18.90 -26.84
CA SER C 9 26.73 -18.70 -26.89
C SER C 9 26.32 -17.57 -27.83
N LEU C 10 25.08 -17.67 -28.30
CA LEU C 10 24.50 -16.71 -29.24
C LEU C 10 24.14 -15.40 -28.56
N CYS C 11 23.91 -14.37 -29.39
CA CYS C 11 23.62 -13.02 -28.91
C CYS C 11 22.12 -12.84 -28.72
N THR C 12 21.71 -12.65 -27.46
CA THR C 12 20.32 -12.56 -27.09
C THR C 12 19.67 -11.20 -27.36
N ALA C 13 20.43 -10.19 -27.72
CA ALA C 13 19.86 -8.85 -27.78
C ALA C 13 19.50 -8.46 -29.20
N ALA C 14 19.23 -7.17 -29.40
CA ALA C 14 18.70 -6.68 -30.66
C ALA C 14 19.80 -6.05 -31.48
N PHE C 15 19.72 -6.25 -32.78
CA PHE C 15 20.63 -5.69 -33.75
C PHE C 15 19.97 -4.53 -34.49
N THR C 16 20.79 -3.78 -35.22
CA THR C 16 20.28 -2.68 -36.00
C THR C 16 21.14 -2.56 -37.25
N PHE C 17 20.52 -2.59 -38.42
CA PHE C 17 21.26 -2.29 -39.63
C PHE C 17 21.72 -0.83 -39.60
N THR C 18 23.02 -0.64 -39.68
CA THR C 18 23.59 0.69 -39.71
C THR C 18 23.81 1.18 -41.13
N LYS C 19 23.60 0.32 -42.14
CA LYS C 19 23.56 0.77 -43.52
C LYS C 19 22.82 -0.28 -44.33
N ILE C 20 22.30 0.13 -45.48
CA ILE C 20 21.47 -0.81 -46.25
C ILE C 20 22.37 -1.89 -46.84
N PRO C 21 21.98 -3.15 -46.78
CA PRO C 21 22.79 -4.21 -47.38
C PRO C 21 23.01 -3.93 -48.86
N ALA C 22 24.19 -4.32 -49.36
CA ALA C 22 24.60 -4.02 -50.73
C ALA C 22 25.12 -5.27 -51.41
N GLU C 23 24.68 -5.48 -52.65
CA GLU C 23 25.20 -6.57 -53.48
C GLU C 23 26.64 -6.29 -53.88
N THR C 24 27.41 -7.36 -54.08
CA THR C 24 28.82 -7.21 -54.38
C THR C 24 29.20 -7.82 -55.72
N LEU C 25 30.33 -8.53 -55.73
CA LEU C 25 30.94 -9.12 -56.90
C LEU C 25 29.92 -9.86 -57.76
N HIS C 26 29.56 -11.09 -57.36
CA HIS C 26 28.69 -11.94 -58.16
C HIS C 26 27.36 -12.23 -57.47
N GLY C 27 27.00 -11.44 -56.46
CA GLY C 27 25.69 -11.59 -55.86
C GLY C 27 25.71 -11.83 -54.37
N THR C 28 26.88 -11.77 -53.74
CA THR C 28 26.96 -11.85 -52.30
C THR C 28 26.58 -10.51 -51.69
N VAL C 29 25.78 -10.55 -50.65
CA VAL C 29 25.31 -9.36 -49.97
C VAL C 29 26.12 -9.20 -48.69
N THR C 30 26.49 -7.95 -48.39
CA THR C 30 27.20 -7.61 -47.17
C THR C 30 26.31 -6.74 -46.30
N VAL C 31 26.46 -6.87 -44.99
CA VAL C 31 25.55 -6.30 -44.01
C VAL C 31 26.36 -5.70 -42.87
N GLU C 32 26.04 -4.46 -42.50
CA GLU C 32 26.63 -3.86 -41.32
C GLU C 32 25.54 -3.71 -40.27
N VAL C 33 25.83 -4.11 -39.04
CA VAL C 33 24.85 -4.02 -37.96
C VAL C 33 25.53 -3.44 -36.73
N GLN C 34 24.69 -3.06 -35.77
CA GLN C 34 25.13 -2.55 -34.49
C GLN C 34 24.35 -3.26 -33.40
N TYR C 35 25.05 -3.71 -32.37
CA TYR C 35 24.47 -4.58 -31.36
C TYR C 35 24.23 -3.78 -30.08
N ALA C 36 23.05 -3.99 -29.48
CA ALA C 36 22.53 -3.17 -28.39
C ALA C 36 22.48 -3.93 -27.08
N GLY C 37 23.32 -4.94 -26.90
CA GLY C 37 23.24 -5.79 -25.74
C GLY C 37 24.55 -5.90 -25.00
N THR C 38 24.44 -6.19 -23.70
CA THR C 38 25.57 -6.28 -22.80
C THR C 38 26.04 -7.71 -22.53
N ASP C 39 25.53 -8.69 -23.26
CA ASP C 39 25.94 -10.08 -23.08
C ASP C 39 27.14 -10.45 -23.97
N GLY C 40 28.10 -9.54 -24.08
CA GLY C 40 29.29 -9.81 -24.85
C GLY C 40 30.35 -10.45 -23.99
N PRO C 41 31.14 -11.37 -24.59
CA PRO C 41 31.09 -11.72 -26.02
C PRO C 41 30.04 -12.79 -26.38
N CYS C 42 29.56 -12.75 -27.62
CA CYS C 42 28.55 -13.70 -28.06
C CYS C 42 28.60 -13.82 -29.58
N LYS C 43 28.21 -15.00 -30.06
CA LYS C 43 28.12 -15.29 -31.47
C LYS C 43 26.89 -14.60 -32.06
N VAL C 44 27.06 -13.96 -33.22
CA VAL C 44 26.02 -13.17 -33.84
C VAL C 44 25.05 -14.06 -34.61
N PRO C 45 23.77 -14.02 -34.30
CA PRO C 45 22.79 -14.79 -35.08
C PRO C 45 22.53 -14.22 -36.46
N ALA C 46 23.30 -14.67 -37.44
CA ALA C 46 23.16 -14.21 -38.81
C ALA C 46 22.88 -15.39 -39.73
N GLN C 47 21.98 -15.20 -40.67
CA GLN C 47 21.61 -16.24 -41.62
C GLN C 47 20.69 -15.65 -42.67
N MET C 48 20.54 -16.37 -43.77
CA MET C 48 19.42 -16.19 -44.69
C MET C 48 18.29 -17.15 -44.31
N ALA C 49 17.11 -16.92 -44.90
CA ALA C 49 15.96 -17.73 -44.57
C ALA C 49 14.83 -17.40 -45.55
N VAL C 50 13.93 -18.36 -45.73
CA VAL C 50 12.80 -18.18 -46.65
C VAL C 50 11.49 -18.41 -45.91
N ASP C 51 11.55 -19.20 -44.86
CA ASP C 51 10.43 -19.47 -43.96
C ASP C 51 10.77 -18.84 -42.62
N MET C 52 10.03 -17.79 -42.24
CA MET C 52 10.34 -17.15 -40.96
C MET C 52 9.89 -17.97 -39.76
N GLN C 53 9.06 -19.01 -39.98
CA GLN C 53 8.67 -19.92 -38.91
C GLN C 53 9.78 -20.91 -38.57
N THR C 54 10.35 -21.56 -39.59
CA THR C 54 11.36 -22.58 -39.38
C THR C 54 12.74 -22.00 -39.15
N LEU C 55 13.02 -20.85 -39.78
CA LEU C 55 14.35 -20.25 -39.77
C LEU C 55 15.40 -21.29 -40.13
N THR C 56 15.01 -22.29 -40.90
CA THR C 56 15.97 -23.23 -41.42
C THR C 56 16.86 -22.45 -42.39
N PRO C 57 18.18 -22.47 -42.21
CA PRO C 57 19.09 -21.65 -43.02
C PRO C 57 19.00 -22.01 -44.49
N VAL C 58 18.65 -21.03 -45.30
CA VAL C 58 18.87 -21.07 -46.73
C VAL C 58 20.12 -20.27 -47.02
N GLY C 59 20.62 -20.38 -48.25
CA GLY C 59 21.86 -19.70 -48.58
C GLY C 59 23.01 -20.23 -47.75
N ARG C 60 23.92 -19.34 -47.34
CA ARG C 60 25.03 -19.74 -46.49
C ARG C 60 25.76 -18.50 -46.00
N LEU C 61 26.10 -18.50 -44.71
CA LEU C 61 26.85 -17.39 -44.12
C LEU C 61 28.30 -17.48 -44.57
N ILE C 62 28.76 -16.43 -45.25
CA ILE C 62 30.14 -16.39 -45.73
C ILE C 62 31.09 -15.94 -44.61
N THR C 63 30.65 -15.01 -43.77
CA THR C 63 31.51 -14.59 -42.67
C THR C 63 31.80 -15.78 -41.77
N ALA C 64 33.07 -15.97 -41.46
CA ALA C 64 33.49 -17.13 -40.69
C ALA C 64 33.38 -16.81 -39.20
N ASN C 65 32.52 -17.54 -38.50
CA ASN C 65 32.30 -17.40 -37.06
C ASN C 65 32.24 -15.94 -36.64
N PRO C 66 31.10 -15.27 -36.82
CA PRO C 66 30.95 -13.86 -36.41
C PRO C 66 30.59 -13.72 -34.94
N VAL C 67 31.52 -13.19 -34.15
CA VAL C 67 31.33 -13.04 -32.71
C VAL C 67 31.46 -11.56 -32.35
N ILE C 68 30.49 -11.06 -31.59
CA ILE C 68 30.55 -9.71 -31.05
C ILE C 68 31.64 -9.64 -29.99
N THR C 69 32.50 -8.64 -30.13
CA THR C 69 33.73 -8.57 -29.34
C THR C 69 33.47 -7.99 -27.95
N GLU C 70 32.92 -6.78 -27.90
CA GLU C 70 32.81 -6.01 -26.68
C GLU C 70 31.74 -6.56 -25.75
N SER C 71 31.90 -6.22 -24.47
CA SER C 71 30.91 -6.50 -23.45
C SER C 71 30.00 -5.30 -23.15
N THR C 72 30.13 -4.21 -23.90
CA THR C 72 29.39 -2.98 -23.68
C THR C 72 28.31 -2.78 -24.74
N GLU C 73 27.35 -1.93 -24.42
CA GLU C 73 26.30 -1.59 -25.38
C GLU C 73 26.92 -0.92 -26.61
N ASN C 74 26.22 -1.05 -27.74
CA ASN C 74 26.62 -0.44 -29.00
C ASN C 74 28.01 -0.86 -29.46
N SER C 75 28.09 -2.00 -30.13
CA SER C 75 29.28 -2.39 -30.88
C SER C 75 28.88 -2.57 -32.33
N LYS C 76 29.87 -2.55 -33.21
CA LYS C 76 29.60 -2.73 -34.62
C LYS C 76 29.93 -4.17 -35.04
N MET C 77 29.54 -4.51 -36.26
CA MET C 77 29.82 -5.82 -36.83
C MET C 77 29.50 -5.78 -38.32
N MET C 78 30.32 -6.48 -39.11
CA MET C 78 30.09 -6.60 -40.54
C MET C 78 29.99 -8.08 -40.94
N LEU C 79 28.94 -8.42 -41.65
CA LEU C 79 28.67 -9.78 -42.09
C LEU C 79 28.55 -9.81 -43.60
N GLU C 80 28.82 -10.97 -44.17
CA GLU C 80 28.58 -11.19 -45.58
C GLU C 80 27.94 -12.57 -45.73
N LEU C 81 26.95 -12.67 -46.62
CA LEU C 81 26.26 -13.93 -46.84
C LEU C 81 26.16 -14.20 -48.35
N ASP C 82 25.92 -15.46 -48.68
CA ASP C 82 25.73 -15.91 -50.05
C ASP C 82 24.27 -16.25 -50.26
N PRO C 83 23.44 -15.31 -50.69
CA PRO C 83 22.00 -15.58 -50.73
C PRO C 83 21.64 -16.49 -51.88
N PRO C 84 20.56 -17.24 -51.77
CA PRO C 84 20.09 -18.04 -52.91
C PRO C 84 19.61 -17.18 -54.05
N PHE C 85 19.22 -17.83 -55.13
CA PHE C 85 18.61 -17.13 -56.25
C PHE C 85 17.16 -16.83 -55.95
N GLY C 86 16.66 -15.73 -56.51
CA GLY C 86 15.35 -15.26 -56.12
C GLY C 86 15.35 -14.57 -54.78
N ASP C 87 14.31 -14.80 -53.99
CA ASP C 87 13.99 -13.98 -52.82
C ASP C 87 14.27 -14.72 -51.52
N SER C 88 14.91 -14.05 -50.58
CA SER C 88 15.15 -14.59 -49.26
C SER C 88 15.01 -13.46 -48.23
N TYR C 89 15.42 -13.73 -46.99
CA TYR C 89 15.44 -12.73 -45.93
C TYR C 89 16.77 -12.80 -45.21
N ILE C 90 17.44 -11.65 -45.08
CA ILE C 90 18.52 -11.52 -44.11
C ILE C 90 17.92 -11.52 -42.72
N VAL C 91 18.45 -12.35 -41.83
CA VAL C 91 17.86 -12.51 -40.49
C VAL C 91 18.98 -12.39 -39.46
N ILE C 92 19.03 -11.25 -38.78
CA ILE C 92 20.02 -10.98 -37.76
C ILE C 92 19.34 -10.98 -36.39
N GLY C 93 20.06 -11.48 -35.38
CA GLY C 93 19.50 -11.64 -34.04
C GLY C 93 18.63 -12.87 -33.90
N VAL C 94 18.06 -13.02 -32.71
CA VAL C 94 17.12 -14.09 -32.43
C VAL C 94 15.85 -13.52 -31.79
N GLY C 95 14.81 -14.34 -31.77
CA GLY C 95 13.60 -14.02 -31.06
C GLY C 95 12.75 -12.91 -31.66
N GLU C 96 11.97 -12.29 -30.77
CA GLU C 96 11.09 -11.19 -31.15
C GLU C 96 11.86 -9.95 -31.57
N LYS C 97 13.12 -9.83 -31.15
CA LYS C 97 13.98 -8.73 -31.56
C LYS C 97 14.77 -9.03 -32.83
N LYS C 98 14.34 -10.02 -33.61
CA LYS C 98 14.97 -10.30 -34.89
C LYS C 98 14.76 -9.14 -35.86
N ILE C 99 15.79 -8.81 -36.62
CA ILE C 99 15.65 -7.84 -37.71
C ILE C 99 15.77 -8.58 -39.04
N THR C 100 14.98 -8.16 -40.02
CA THR C 100 14.99 -8.77 -41.34
C THR C 100 15.00 -7.71 -42.44
N HIS C 101 15.64 -8.06 -43.56
CA HIS C 101 15.64 -7.23 -44.75
C HIS C 101 15.48 -8.12 -45.98
N HIS C 102 14.50 -7.80 -46.83
CA HIS C 102 14.26 -8.58 -48.03
C HIS C 102 15.44 -8.49 -49.00
N TRP C 103 15.74 -9.61 -49.68
CA TRP C 103 16.83 -9.65 -50.63
C TRP C 103 16.39 -10.32 -51.93
N HIS C 104 16.93 -9.83 -53.05
CA HIS C 104 16.71 -10.46 -54.34
C HIS C 104 18.02 -10.57 -55.10
N ARG C 105 18.26 -11.75 -55.68
CA ARG C 105 19.47 -12.06 -56.43
C ARG C 105 19.07 -12.73 -57.73
N SER C 106 19.50 -12.14 -58.85
CA SER C 106 19.00 -12.53 -60.18
C SER C 106 19.90 -13.56 -60.85
N GLY C 107 21.15 -13.17 -61.16
CA GLY C 107 22.09 -14.05 -61.83
C GLY C 107 23.52 -13.53 -61.86
N VAL D 2 5.40 34.16 10.77
CA VAL D 2 4.07 33.82 10.23
C VAL D 2 3.49 32.55 10.86
N GLN D 3 2.36 32.68 11.55
CA GLN D 3 1.90 31.62 12.44
C GLN D 3 0.42 31.78 12.76
N LEU D 4 -0.27 30.64 12.93
CA LEU D 4 -1.61 30.58 13.49
C LEU D 4 -1.56 29.69 14.72
N LEU D 5 -2.24 30.14 15.79
CA LEU D 5 -2.28 29.41 17.04
C LEU D 5 -3.73 29.28 17.48
N GLU D 6 -4.22 28.05 17.55
CA GLU D 6 -5.59 27.80 17.98
C GLU D 6 -5.62 27.60 19.48
N SER D 7 -6.79 27.86 20.06
CA SER D 7 -7.00 27.63 21.49
C SER D 7 -8.49 27.56 21.74
N GLY D 8 -8.86 26.95 22.86
CA GLY D 8 -10.23 26.94 23.31
C GLY D 8 -10.93 25.61 23.28
N GLY D 9 -10.25 24.56 22.78
CA GLY D 9 -10.90 23.29 22.56
C GLY D 9 -10.76 22.37 23.75
N GLY D 10 -11.67 21.40 23.81
CA GLY D 10 -11.67 20.43 24.88
C GLY D 10 -12.96 19.63 24.86
N LEU D 11 -13.59 19.48 26.03
CA LEU D 11 -14.72 18.58 26.19
C LEU D 11 -16.00 19.38 26.36
N VAL D 12 -17.02 19.02 25.57
CA VAL D 12 -18.30 19.71 25.56
C VAL D 12 -19.41 18.68 25.70
N GLN D 13 -20.45 19.01 26.45
CA GLN D 13 -21.61 18.13 26.55
C GLN D 13 -22.46 18.27 25.28
N PRO D 14 -23.08 17.20 24.81
CA PRO D 14 -23.95 17.31 23.64
C PRO D 14 -25.03 18.34 23.88
N GLY D 15 -25.30 19.16 22.87
CA GLY D 15 -26.13 20.32 23.01
C GLY D 15 -25.41 21.55 23.53
N GLY D 16 -24.17 21.41 23.95
CA GLY D 16 -23.44 22.50 24.56
C GLY D 16 -22.91 23.51 23.57
N SER D 17 -22.02 24.36 24.06
CA SER D 17 -21.44 25.43 23.27
C SER D 17 -19.98 25.62 23.63
N LEU D 18 -19.14 25.72 22.60
CA LEU D 18 -17.74 26.01 22.76
C LEU D 18 -17.39 27.17 21.85
N ARG D 19 -16.46 28.01 22.29
CA ARG D 19 -16.00 29.16 21.52
C ARG D 19 -14.50 28.99 21.29
N LEU D 20 -14.13 28.68 20.05
CA LEU D 20 -12.74 28.50 19.65
C LEU D 20 -12.17 29.84 19.18
N SER D 21 -10.86 29.98 19.32
CA SER D 21 -10.21 31.18 18.83
C SER D 21 -8.86 30.83 18.24
N CYS D 22 -8.40 31.71 17.36
CA CYS D 22 -7.13 31.57 16.68
C CYS D 22 -6.43 32.93 16.67
N ALA D 23 -5.12 32.92 16.90
CA ALA D 23 -4.32 34.14 17.01
C ALA D 23 -3.35 34.21 15.83
N ALA D 24 -3.57 35.17 14.95
CA ALA D 24 -2.74 35.38 13.77
C ALA D 24 -1.56 36.29 14.06
N SER D 25 -0.45 36.02 13.37
CA SER D 25 0.77 36.79 13.49
C SER D 25 1.58 36.61 12.21
N GLY D 26 2.26 37.66 11.79
CA GLY D 26 3.16 37.59 10.65
C GLY D 26 2.62 38.14 9.33
N PHE D 27 1.43 38.75 9.33
CA PHE D 27 0.77 39.16 8.10
C PHE D 27 -0.43 40.04 8.43
N THR D 28 -0.78 40.93 7.50
CA THR D 28 -2.00 41.71 7.62
C THR D 28 -3.26 40.85 7.66
N PHE D 29 -3.52 40.25 8.82
CA PHE D 29 -4.73 39.49 9.11
C PHE D 29 -5.98 40.04 8.43
N LYS D 30 -6.08 41.38 8.33
CA LYS D 30 -7.28 41.98 7.78
C LYS D 30 -7.45 41.67 6.31
N ASN D 31 -6.36 41.40 5.60
CA ASN D 31 -6.39 41.27 4.15
C ASN D 31 -6.80 39.89 3.66
N TYR D 32 -6.63 38.86 4.47
CA TYR D 32 -6.75 37.46 4.06
C TYR D 32 -8.07 36.84 4.50
N ALA D 33 -8.55 35.88 3.75
CA ALA D 33 -9.71 35.13 4.21
C ALA D 33 -9.26 34.10 5.23
N MET D 34 -10.11 33.82 6.21
CA MET D 34 -9.82 32.86 7.24
C MET D 34 -10.89 31.79 7.23
N ALA D 35 -10.50 30.57 7.59
CA ALA D 35 -11.45 29.49 7.60
C ALA D 35 -11.10 28.51 8.69
N TRP D 36 -12.10 27.74 9.10
CA TRP D 36 -11.94 26.65 10.04
C TRP D 36 -12.16 25.34 9.31
N VAL D 37 -11.15 24.45 9.37
CA VAL D 37 -11.21 23.14 8.73
C VAL D 37 -11.03 22.09 9.82
N ARG D 38 -12.02 21.22 9.96
CA ARG D 38 -11.96 20.20 11.00
C ARG D 38 -11.66 18.84 10.39
N GLN D 39 -11.30 17.91 11.28
CA GLN D 39 -10.87 16.58 10.88
C GLN D 39 -11.34 15.62 11.96
N ALA D 40 -12.43 14.90 11.69
CA ALA D 40 -12.88 13.88 12.61
C ALA D 40 -11.76 12.86 12.83
N PRO D 41 -11.72 12.21 14.00
CA PRO D 41 -10.67 11.21 14.23
C PRO D 41 -10.67 10.17 13.14
N GLY D 42 -9.52 9.95 12.51
CA GLY D 42 -9.39 8.96 11.47
C GLY D 42 -10.12 9.26 10.17
N LYS D 43 -10.84 10.36 10.10
CA LYS D 43 -11.59 10.75 8.92
C LYS D 43 -10.81 11.81 8.14
N GLY D 44 -11.47 12.44 7.17
CA GLY D 44 -10.84 13.37 6.27
C GLY D 44 -10.99 14.83 6.71
N LEU D 45 -10.61 15.72 5.80
CA LEU D 45 -10.70 17.15 6.02
C LEU D 45 -12.07 17.66 5.60
N GLU D 46 -12.69 18.46 6.46
CA GLU D 46 -13.99 19.06 6.19
C GLU D 46 -13.91 20.54 6.57
N TRP D 47 -14.04 21.41 5.58
CA TRP D 47 -14.14 22.83 5.84
C TRP D 47 -15.49 23.14 6.46
N VAL D 48 -15.52 24.03 7.44
CA VAL D 48 -16.72 24.26 8.23
C VAL D 48 -17.21 25.69 8.07
N SER D 49 -16.29 26.64 7.87
CA SER D 49 -16.69 28.04 7.83
C SER D 49 -15.56 28.86 7.26
N LEU D 50 -15.92 29.95 6.57
CA LEU D 50 -14.94 30.85 5.97
C LEU D 50 -15.49 32.26 6.02
N LEU D 51 -14.61 33.24 6.23
CA LEU D 51 -15.04 34.63 6.19
C LEU D 51 -13.93 35.54 5.71
N TYR D 52 -14.29 36.58 4.95
CA TYR D 52 -13.36 37.63 4.56
C TYR D 52 -13.70 38.98 5.18
N ASN D 53 -14.81 39.62 4.79
CA ASN D 53 -15.10 41.02 5.08
C ASN D 53 -16.48 41.22 5.66
N SER D 54 -17.46 40.68 4.96
CA SER D 54 -18.83 41.10 4.99
C SER D 54 -19.71 39.90 5.27
N GLU D 55 -21.01 40.17 5.42
CA GLU D 55 -22.00 39.12 5.55
C GLU D 55 -22.02 38.23 4.31
N GLU D 56 -21.83 38.84 3.12
CA GLU D 56 -21.87 38.07 1.90
C GLU D 56 -20.64 37.18 1.74
N SER D 57 -19.50 37.57 2.32
CA SER D 57 -18.28 36.77 2.22
C SER D 57 -18.05 35.89 3.44
N THR D 58 -19.13 35.44 4.09
CA THR D 58 -19.05 34.39 5.10
C THR D 58 -19.84 33.18 4.61
N TYR D 59 -19.30 32.00 4.84
CA TYR D 59 -19.87 30.75 4.36
C TYR D 59 -19.88 29.71 5.47
N TYR D 60 -20.88 28.84 5.42
CA TYR D 60 -21.02 27.77 6.39
C TYR D 60 -21.37 26.49 5.64
N ALA D 61 -20.62 25.44 5.90
CA ALA D 61 -21.00 24.11 5.44
C ALA D 61 -22.37 23.74 5.96
N ASP D 62 -23.18 23.10 5.11
CA ASP D 62 -24.53 22.72 5.51
C ASP D 62 -24.58 21.93 6.81
N SER D 63 -23.53 21.16 7.11
CA SER D 63 -23.49 20.34 8.31
C SER D 63 -23.42 21.15 9.60
N VAL D 64 -23.22 22.46 9.53
CA VAL D 64 -23.13 23.28 10.73
C VAL D 64 -23.94 24.56 10.56
N LYS D 65 -24.81 24.60 9.56
CA LYS D 65 -25.55 25.83 9.29
C LYS D 65 -26.51 26.14 10.42
N GLY D 66 -26.40 27.36 10.95
CA GLY D 66 -27.24 27.78 12.05
C GLY D 66 -26.62 27.49 13.40
N ARG D 67 -25.85 26.42 13.46
CA ARG D 67 -25.23 25.92 14.69
C ARG D 67 -23.90 26.60 15.00
N PHE D 68 -23.07 26.85 13.99
CA PHE D 68 -21.78 27.49 14.19
C PHE D 68 -21.82 28.90 13.63
N THR D 69 -20.83 29.69 14.00
CA THR D 69 -20.73 31.10 13.65
C THR D 69 -19.28 31.51 13.72
N ILE D 70 -18.79 32.26 12.74
CA ILE D 70 -17.42 32.73 12.82
C ILE D 70 -17.38 34.25 12.86
N SER D 71 -16.27 34.76 13.38
CA SER D 71 -16.14 36.16 13.76
C SER D 71 -14.69 36.57 13.57
N ARG D 72 -14.49 37.83 13.24
CA ARG D 72 -13.17 38.35 12.91
C ARG D 72 -12.94 39.62 13.69
N ASP D 73 -11.84 39.66 14.44
CA ASP D 73 -11.48 40.83 15.22
C ASP D 73 -10.17 41.35 14.65
N ASN D 74 -10.28 42.26 13.68
CA ASN D 74 -9.09 42.68 12.94
C ASN D 74 -8.14 43.51 13.79
N SER D 75 -8.67 44.20 14.80
CA SER D 75 -7.84 44.94 15.76
C SER D 75 -6.95 44.01 16.57
N LYS D 76 -7.45 42.83 16.91
CA LYS D 76 -6.70 41.85 17.68
C LYS D 76 -6.10 40.72 16.85
N ASN D 77 -6.34 40.70 15.53
CA ASN D 77 -5.78 39.64 14.66
C ASN D 77 -6.21 38.25 15.13
N THR D 78 -7.51 38.11 15.39
CA THR D 78 -8.04 36.94 16.06
C THR D 78 -9.29 36.43 15.37
N LEU D 79 -9.41 35.11 15.23
CA LEU D 79 -10.53 34.46 14.59
C LEU D 79 -11.30 33.64 15.62
N PHE D 80 -12.63 33.68 15.54
CA PHE D 80 -13.47 32.97 16.49
C PHE D 80 -14.35 31.98 15.77
N LEU D 81 -14.68 30.89 16.46
CA LEU D 81 -15.66 29.95 15.93
C LEU D 81 -16.61 29.60 17.08
N GLN D 82 -17.81 30.16 17.02
CA GLN D 82 -18.84 29.95 18.03
C GLN D 82 -19.71 28.77 17.61
N MET D 83 -19.51 27.63 18.23
CA MET D 83 -20.27 26.42 17.90
C MET D 83 -21.24 26.12 19.04
N ASN D 84 -22.53 26.02 18.71
CA ASN D 84 -23.58 25.66 19.65
C ASN D 84 -24.37 24.48 19.11
N ARG D 85 -25.25 23.96 19.96
CA ARG D 85 -26.04 22.78 19.67
C ARG D 85 -25.16 21.63 19.17
N LEU D 86 -23.98 21.49 19.78
CA LEU D 86 -23.01 20.51 19.33
C LEU D 86 -23.58 19.10 19.39
N ARG D 87 -23.15 18.27 18.44
CA ARG D 87 -23.54 16.88 18.34
C ARG D 87 -22.30 16.01 18.47
N VAL D 88 -22.51 14.74 18.83
CA VAL D 88 -21.39 13.85 19.10
C VAL D 88 -20.45 13.76 17.91
N GLU D 89 -20.99 13.83 16.69
CA GLU D 89 -20.17 13.74 15.49
C GLU D 89 -19.38 15.01 15.20
N ASP D 90 -19.62 16.10 15.95
CA ASP D 90 -18.74 17.25 15.81
C ASP D 90 -17.36 17.00 16.41
N THR D 91 -17.18 15.89 17.12
CA THR D 91 -15.88 15.53 17.68
C THR D 91 -14.82 15.42 16.60
N ALA D 92 -13.82 16.28 16.67
CA ALA D 92 -12.82 16.42 15.63
C ALA D 92 -11.75 17.38 16.14
N VAL D 93 -10.64 17.40 15.44
CA VAL D 93 -9.63 18.43 15.59
C VAL D 93 -10.03 19.59 14.70
N TYR D 94 -9.85 20.82 15.16
CA TYR D 94 -10.26 21.99 14.39
C TYR D 94 -9.03 22.79 14.01
N PHE D 95 -8.83 22.98 12.72
CA PHE D 95 -7.68 23.71 12.23
C PHE D 95 -8.10 25.12 11.84
N CYS D 96 -7.37 26.09 12.34
CA CYS D 96 -7.52 27.46 11.89
C CYS D 96 -6.60 27.66 10.70
N VAL D 97 -7.12 28.29 9.65
CA VAL D 97 -6.52 28.23 8.32
C VAL D 97 -6.60 29.61 7.68
N ARG D 98 -5.48 30.07 7.13
CA ARG D 98 -5.45 31.25 6.29
C ARG D 98 -5.49 30.83 4.82
N ASP D 99 -6.39 31.44 4.06
CA ASP D 99 -6.43 31.29 2.62
C ASP D 99 -5.22 31.96 1.99
N ARG D 100 -4.89 31.56 0.77
CA ARG D 100 -3.76 32.18 0.08
C ARG D 100 -4.00 33.66 -0.11
N SER D 101 -5.24 34.04 -0.38
CA SER D 101 -5.54 35.40 -0.75
C SER D 101 -6.83 35.81 -0.07
N ASN D 102 -7.86 35.91 -0.87
CA ASN D 102 -9.09 36.61 -0.55
C ASN D 102 -10.24 35.64 -0.32
N GLY D 103 -10.02 34.32 -0.45
CA GLY D 103 -11.04 33.32 -0.28
C GLY D 103 -11.01 32.23 -1.34
N TRP D 104 -11.17 30.98 -0.94
CA TRP D 104 -11.37 29.87 -1.88
C TRP D 104 -10.18 29.71 -2.84
N SER D 105 -9.07 29.31 -2.24
CA SER D 105 -7.79 29.22 -2.89
C SER D 105 -7.09 27.98 -2.35
N SER D 106 -5.81 27.84 -2.67
CA SER D 106 -5.00 26.92 -1.91
C SER D 106 -4.85 27.43 -0.48
N ILE D 107 -4.59 26.51 0.44
CA ILE D 107 -4.47 26.86 1.85
C ILE D 107 -3.00 26.77 2.23
N ASN D 108 -2.32 27.92 2.31
CA ASN D 108 -0.89 27.88 2.54
C ASN D 108 -0.48 28.37 3.92
N LEU D 109 -1.35 28.25 4.92
CA LEU D 109 -0.99 28.53 6.31
C LEU D 109 -1.98 27.79 7.19
N TRP D 110 -1.47 26.91 8.04
CA TRP D 110 -2.32 26.07 8.86
C TRP D 110 -1.94 26.26 10.31
N GLY D 111 -2.92 26.06 11.17
CA GLY D 111 -2.64 26.08 12.59
C GLY D 111 -1.97 24.79 13.05
N ARG D 112 -2.21 24.45 14.31
CA ARG D 112 -1.71 23.23 14.91
C ARG D 112 -2.83 22.25 15.18
N GLY D 113 -4.07 22.68 15.11
CA GLY D 113 -5.18 21.85 15.52
C GLY D 113 -5.53 22.03 16.99
N THR D 114 -6.81 22.16 17.29
CA THR D 114 -7.30 22.10 18.65
C THR D 114 -8.43 21.09 18.66
N LEU D 115 -8.34 20.09 19.53
CA LEU D 115 -9.26 18.96 19.50
C LEU D 115 -10.48 19.26 20.36
N VAL D 116 -11.66 19.25 19.73
CA VAL D 116 -12.94 19.38 20.40
C VAL D 116 -13.55 17.99 20.50
N THR D 117 -13.84 17.56 21.72
CA THR D 117 -14.41 16.25 22.01
C THR D 117 -15.80 16.48 22.58
N VAL D 118 -16.83 16.36 21.75
CA VAL D 118 -18.22 16.48 22.19
C VAL D 118 -18.58 15.12 22.79
N SER D 119 -18.44 15.00 24.10
CA SER D 119 -18.76 13.77 24.81
C SER D 119 -19.75 14.09 25.92
N SER D 120 -20.01 13.15 26.82
CA SER D 120 -20.75 13.48 28.01
C SER D 120 -20.00 13.26 29.33
N ALA D 121 -18.86 12.58 29.34
CA ALA D 121 -18.20 12.38 30.61
C ALA D 121 -17.46 13.65 31.04
N SER D 122 -16.89 13.61 32.24
CA SER D 122 -16.16 14.76 32.76
C SER D 122 -14.72 14.77 32.24
N THR D 123 -13.99 15.84 32.54
CA THR D 123 -12.59 15.93 32.20
C THR D 123 -11.76 15.27 33.29
N LYS D 124 -10.57 14.80 32.93
CA LYS D 124 -9.72 14.09 33.88
C LYS D 124 -8.28 14.53 33.67
N GLY D 125 -7.69 15.13 34.70
CA GLY D 125 -6.28 15.42 34.70
C GLY D 125 -5.48 14.14 34.73
N PRO D 126 -4.33 14.14 34.06
CA PRO D 126 -3.48 12.94 34.06
C PRO D 126 -2.54 12.92 35.27
N SER D 127 -1.98 11.75 35.50
CA SER D 127 -0.91 11.57 36.47
C SER D 127 0.37 11.20 35.74
N VAL D 128 1.50 11.72 36.21
CA VAL D 128 2.78 11.60 35.53
C VAL D 128 3.73 10.81 36.42
N PHE D 129 4.14 9.62 35.96
CA PHE D 129 5.09 8.83 36.70
C PHE D 129 6.31 8.55 35.83
N PRO D 130 7.52 8.66 36.39
CA PRO D 130 8.74 8.53 35.58
C PRO D 130 9.04 7.08 35.23
N LEU D 131 9.99 6.91 34.31
CA LEU D 131 10.46 5.61 33.86
C LEU D 131 11.99 5.62 33.99
N ALA D 132 12.47 5.20 35.16
CA ALA D 132 13.89 5.30 35.43
C ALA D 132 14.66 4.27 34.61
N PRO D 133 15.90 4.59 34.22
CA PRO D 133 16.68 3.64 33.43
C PRO D 133 17.42 2.59 34.25
N SER D 134 18.39 1.92 33.64
CA SER D 134 19.15 0.87 34.31
C SER D 134 20.59 1.32 34.57
N GLY D 141 24.17 0.01 23.57
CA GLY D 141 25.18 0.19 24.60
C GLY D 141 24.82 1.24 25.63
N THR D 142 23.75 1.98 25.35
CA THR D 142 23.27 3.05 26.22
C THR D 142 21.83 2.78 26.65
N ALA D 143 21.36 3.54 27.61
CA ALA D 143 20.08 3.31 28.26
C ALA D 143 19.04 4.34 27.82
N ALA D 144 17.77 4.03 28.16
CA ALA D 144 16.64 4.85 27.75
C ALA D 144 15.71 5.02 28.93
N LEU D 145 15.04 6.18 28.97
CA LEU D 145 14.16 6.57 30.08
C LEU D 145 12.92 7.25 29.50
N GLY D 146 12.00 7.62 30.38
CA GLY D 146 10.79 8.26 29.91
C GLY D 146 9.83 8.65 31.02
N CYS D 147 8.61 8.99 30.59
CA CYS D 147 7.51 9.43 31.45
C CYS D 147 6.25 8.67 31.08
N LEU D 148 5.44 8.37 32.09
CA LEU D 148 4.16 7.67 31.92
C LEU D 148 3.03 8.62 32.27
N VAL D 149 2.16 8.89 31.31
CA VAL D 149 1.00 9.75 31.52
C VAL D 149 -0.23 8.86 31.56
N LYS D 150 -0.83 8.74 32.75
CA LYS D 150 -1.85 7.73 32.99
C LYS D 150 -3.18 8.38 33.37
N ASP D 151 -4.27 7.82 32.83
CA ASP D 151 -5.62 8.08 33.31
C ASP D 151 -6.06 9.53 33.10
N TYR D 152 -6.46 9.86 31.88
CA TYR D 152 -6.91 11.21 31.57
C TYR D 152 -8.00 11.15 30.51
N PHE D 153 -8.72 12.28 30.35
CA PHE D 153 -9.76 12.36 29.36
C PHE D 153 -10.13 13.81 29.11
N PRO D 154 -10.33 14.23 27.86
CA PRO D 154 -10.12 13.40 26.67
C PRO D 154 -8.73 13.65 26.13
N GLU D 155 -8.48 13.27 24.89
CA GLU D 155 -7.27 13.69 24.21
C GLU D 155 -7.31 15.20 23.97
N PRO D 156 -6.15 15.83 23.74
CA PRO D 156 -4.77 15.32 23.60
C PRO D 156 -3.87 15.53 24.82
N VAL D 157 -2.58 15.21 24.67
CA VAL D 157 -1.56 15.42 25.71
C VAL D 157 -0.20 15.66 25.08
N THR D 158 0.07 16.87 24.61
CA THR D 158 1.41 17.21 24.15
C THR D 158 2.44 16.88 25.22
N VAL D 159 3.55 16.26 24.79
CA VAL D 159 4.67 15.95 25.67
C VAL D 159 5.96 16.39 25.01
N SER D 160 6.85 17.01 25.78
CA SER D 160 8.16 17.40 25.28
C SER D 160 9.19 17.07 26.35
N TRP D 161 10.46 17.27 26.00
CA TRP D 161 11.57 16.96 26.90
C TRP D 161 12.50 18.15 27.01
N ASN D 162 12.83 18.51 28.25
CA ASN D 162 13.72 19.62 28.54
C ASN D 162 13.28 20.87 27.79
N SER D 163 11.96 21.11 27.77
CA SER D 163 11.36 22.30 27.20
C SER D 163 11.76 22.48 25.73
N GLY D 164 11.81 21.36 25.01
CA GLY D 164 12.13 21.37 23.59
C GLY D 164 13.57 21.12 23.26
N ALA D 165 14.49 21.23 24.22
CA ALA D 165 15.91 21.09 23.92
C ALA D 165 16.34 19.64 23.68
N LEU D 166 15.45 18.67 23.87
CA LEU D 166 15.76 17.27 23.65
C LEU D 166 14.73 16.70 22.68
N THR D 167 15.12 16.54 21.42
CA THR D 167 14.21 16.06 20.38
C THR D 167 14.69 14.82 19.68
N SER D 168 16.00 14.70 19.44
CA SER D 168 16.56 13.60 18.70
C SER D 168 16.45 12.31 19.51
N GLY D 169 15.67 11.36 19.00
CA GLY D 169 15.54 10.08 19.64
C GLY D 169 14.39 9.95 20.61
N VAL D 170 13.45 10.87 20.58
CA VAL D 170 12.27 10.79 21.40
C VAL D 170 11.20 9.99 20.66
N HIS D 171 10.50 9.13 21.37
CA HIS D 171 9.32 8.45 20.86
C HIS D 171 8.18 8.67 21.85
N THR D 172 7.11 9.32 21.39
CA THR D 172 5.89 9.47 22.19
C THR D 172 4.80 8.61 21.57
N PHE D 173 4.23 7.70 22.36
CA PHE D 173 3.30 6.71 21.84
C PHE D 173 1.89 7.28 21.70
N PRO D 174 1.09 6.67 20.83
CA PRO D 174 -0.35 7.01 20.80
C PRO D 174 -1.04 6.63 22.09
N ALA D 175 -2.16 7.30 22.33
CA ALA D 175 -2.93 7.06 23.54
C ALA D 175 -3.78 5.81 23.36
N VAL D 176 -3.69 4.92 24.33
CA VAL D 176 -4.57 3.76 24.38
C VAL D 176 -5.69 4.05 25.36
N LEU D 177 -6.86 3.49 25.08
CA LEU D 177 -8.03 3.67 25.93
C LEU D 177 -8.09 2.51 26.92
N GLN D 178 -7.77 2.80 28.18
CA GLN D 178 -7.77 1.78 29.22
C GLN D 178 -9.18 1.27 29.47
N SER D 179 -9.26 0.16 30.21
CA SER D 179 -10.57 -0.38 30.60
C SER D 179 -11.39 0.63 31.41
N SER D 180 -10.72 1.50 32.14
CA SER D 180 -11.38 2.52 32.96
C SER D 180 -12.12 3.57 32.13
N GLY D 181 -11.85 3.65 30.83
CA GLY D 181 -12.39 4.72 30.02
C GLY D 181 -11.48 5.93 29.88
N LEU D 182 -10.30 5.90 30.47
CA LEU D 182 -9.36 7.01 30.41
C LEU D 182 -8.18 6.66 29.54
N TYR D 183 -7.75 7.59 28.71
CA TYR D 183 -6.58 7.39 27.87
C TYR D 183 -5.31 7.35 28.72
N SER D 184 -4.25 6.83 28.12
CA SER D 184 -2.97 6.64 28.81
C SER D 184 -1.85 6.41 27.80
N LEU D 185 -0.77 7.18 27.91
CA LEU D 185 0.35 7.04 26.99
C LEU D 185 1.68 7.18 27.72
N SER D 186 2.73 6.72 27.06
CA SER D 186 4.09 6.82 27.55
C SER D 186 4.93 7.61 26.55
N SER D 187 6.06 8.12 27.02
CA SER D 187 6.95 8.91 26.17
C SER D 187 8.38 8.66 26.63
N VAL D 188 9.22 8.19 25.71
CA VAL D 188 10.55 7.70 26.06
C VAL D 188 11.59 8.33 25.15
N VAL D 189 12.83 8.33 25.62
CA VAL D 189 13.94 8.88 24.86
C VAL D 189 15.20 8.08 25.18
N THR D 190 15.96 7.76 24.14
CA THR D 190 17.26 7.09 24.30
C THR D 190 18.35 8.14 24.45
N VAL D 191 19.24 7.93 25.43
CA VAL D 191 20.28 8.90 25.76
C VAL D 191 21.56 8.14 26.11
N PRO D 192 22.70 8.85 26.06
CA PRO D 192 23.97 8.20 26.47
C PRO D 192 23.96 7.87 27.95
N SER D 193 24.07 6.57 28.27
CA SER D 193 24.11 6.14 29.66
C SER D 193 25.30 6.74 30.41
N SER D 194 26.37 7.06 29.69
CA SER D 194 27.55 7.70 30.25
C SER D 194 27.34 9.18 30.57
N SER D 195 26.15 9.71 30.35
CA SER D 195 25.85 11.11 30.59
C SER D 195 24.67 11.28 31.52
N LEU D 196 24.51 10.36 32.48
CA LEU D 196 23.36 10.40 33.37
C LEU D 196 23.61 11.21 34.63
N GLY D 197 24.81 11.12 35.20
CA GLY D 197 25.07 11.82 36.45
C GLY D 197 25.08 13.32 36.32
N THR D 198 25.25 13.85 35.12
CA THR D 198 25.42 15.28 34.90
C THR D 198 24.23 15.95 34.22
N GLN D 199 23.57 15.28 33.29
CA GLN D 199 22.47 15.87 32.54
C GLN D 199 21.15 15.46 33.17
N THR D 200 20.35 16.45 33.57
CA THR D 200 19.02 16.20 34.10
C THR D 200 18.02 16.12 32.96
N TYR D 201 17.04 15.22 33.09
CA TYR D 201 15.99 15.04 32.09
C TYR D 201 14.64 15.23 32.74
N ILE D 202 13.89 16.23 32.27
CA ILE D 202 12.54 16.51 32.74
C ILE D 202 11.61 16.50 31.53
N CYS D 203 10.47 15.83 31.66
CA CYS D 203 9.47 15.79 30.61
C CYS D 203 8.41 16.85 30.89
N ASN D 204 7.98 17.55 29.83
CA ASN D 204 7.04 18.65 29.95
C ASN D 204 5.68 18.17 29.44
N VAL D 205 4.89 17.60 30.35
CA VAL D 205 3.57 17.11 30.00
C VAL D 205 2.61 18.29 29.93
N ASN D 206 1.66 18.22 28.99
CA ASN D 206 0.67 19.27 28.80
C ASN D 206 -0.64 18.63 28.34
N HIS D 207 -1.68 18.76 29.16
CA HIS D 207 -3.03 18.30 28.84
C HIS D 207 -3.95 19.52 28.95
N LYS D 208 -4.06 20.26 27.84
CA LYS D 208 -4.78 21.53 27.77
C LYS D 208 -6.27 21.44 28.08
N PRO D 209 -6.98 20.33 27.76
CA PRO D 209 -8.40 20.26 28.15
C PRO D 209 -8.65 20.38 29.64
N SER D 210 -7.68 20.03 30.50
CA SER D 210 -7.84 20.14 31.94
C SER D 210 -6.86 21.12 32.56
N ASN D 211 -6.21 21.96 31.76
CA ASN D 211 -5.22 22.93 32.21
C ASN D 211 -4.25 22.30 33.20
N THR D 212 -3.53 21.31 32.71
CA THR D 212 -2.61 20.50 33.51
C THR D 212 -1.26 20.55 32.84
N LYS D 213 -0.40 21.43 33.31
CA LYS D 213 0.99 21.53 32.88
C LYS D 213 1.83 20.95 34.01
N VAL D 214 2.53 19.85 33.75
CA VAL D 214 3.26 19.12 34.77
C VAL D 214 4.65 18.79 34.26
N ASP D 215 5.64 18.81 35.16
CA ASP D 215 7.01 18.40 34.90
C ASP D 215 7.44 17.34 35.90
N LYS D 216 8.34 16.46 35.47
CA LYS D 216 8.87 15.44 36.37
C LYS D 216 10.31 15.12 35.97
N ARG D 217 11.22 15.19 36.96
CA ARG D 217 12.59 14.74 36.73
C ARG D 217 12.62 13.22 36.64
N VAL D 218 13.55 12.69 35.85
CA VAL D 218 13.61 11.25 35.62
C VAL D 218 14.98 10.74 36.05
N GLU D 219 15.34 10.97 37.30
CA GLU D 219 16.60 10.47 37.80
C GLU D 219 16.55 8.96 37.94
N PRO D 220 17.72 8.28 37.94
CA PRO D 220 17.79 6.84 38.18
C PRO D 220 17.45 6.44 39.62
N ASP E 1 -22.34 18.96 -4.33
CA ASP E 1 -21.00 19.49 -4.33
C ASP E 1 -20.10 18.58 -5.16
N ILE E 2 -18.90 19.07 -5.44
CA ILE E 2 -17.89 18.38 -6.23
C ILE E 2 -17.25 17.30 -5.36
N GLN E 3 -17.57 16.04 -5.63
CA GLN E 3 -16.95 14.92 -4.91
C GLN E 3 -15.51 14.75 -5.36
N MET E 4 -14.67 14.23 -4.46
CA MET E 4 -13.26 13.98 -4.76
C MET E 4 -12.86 12.57 -4.35
N THR E 5 -12.26 11.83 -5.29
CA THR E 5 -11.80 10.47 -5.08
C THR E 5 -10.29 10.40 -5.28
N GLN E 6 -9.59 9.81 -4.32
CA GLN E 6 -8.16 9.55 -4.44
C GLN E 6 -7.90 8.05 -4.53
N SER E 7 -6.81 7.69 -5.21
CA SER E 7 -6.33 6.30 -5.21
C SER E 7 -4.82 6.29 -5.50
N PRO E 8 -4.07 5.36 -4.89
CA PRO E 8 -4.58 4.31 -4.04
C PRO E 8 -4.85 4.75 -2.61
N SER E 9 -5.65 3.98 -1.88
CA SER E 9 -5.91 4.29 -0.48
C SER E 9 -4.63 4.22 0.35
N THR E 10 -3.94 3.08 0.30
CA THR E 10 -2.62 2.92 0.89
C THR E 10 -1.66 2.36 -0.15
N LEU E 11 -0.37 2.49 0.15
CA LEU E 11 0.66 1.93 -0.70
C LEU E 11 1.97 1.88 0.08
N SER E 12 2.73 0.82 -0.13
CA SER E 12 4.09 0.73 0.41
C SER E 12 5.07 0.69 -0.75
N ALA E 13 6.19 1.38 -0.59
CA ALA E 13 7.24 1.40 -1.59
C ALA E 13 8.56 1.62 -0.86
N SER E 14 9.65 1.68 -1.60
CA SER E 14 10.98 1.65 -1.00
C SER E 14 11.69 2.97 -1.24
N VAL E 15 12.63 3.29 -0.35
CA VAL E 15 13.40 4.52 -0.51
C VAL E 15 14.05 4.51 -1.87
N GLY E 16 13.86 5.59 -2.62
CA GLY E 16 14.31 5.70 -3.99
C GLY E 16 13.22 5.53 -5.03
N ASP E 17 12.16 4.78 -4.73
CA ASP E 17 11.16 4.43 -5.74
C ASP E 17 10.34 5.64 -6.17
N ARG E 18 9.75 5.54 -7.35
CA ARG E 18 8.91 6.61 -7.89
C ARG E 18 7.46 6.29 -7.52
N VAL E 19 6.92 7.03 -6.54
CA VAL E 19 5.52 6.89 -6.12
C VAL E 19 4.65 7.82 -6.95
N THR E 20 3.46 7.33 -7.31
CA THR E 20 2.51 8.05 -8.14
C THR E 20 1.11 7.80 -7.59
N MET E 21 0.45 8.86 -7.17
CA MET E 21 -0.95 8.77 -6.79
C MET E 21 -1.80 9.68 -7.66
N THR E 22 -3.09 9.41 -7.64
CA THR E 22 -4.03 9.99 -8.60
C THR E 22 -5.25 10.50 -7.83
N CYS E 23 -5.93 11.49 -8.39
CA CYS E 23 -7.23 11.86 -7.87
C CYS E 23 -8.08 12.42 -9.00
N ARG E 24 -9.38 12.10 -8.93
CA ARG E 24 -10.34 12.50 -9.95
C ARG E 24 -11.47 13.30 -9.31
N ALA E 25 -12.00 14.27 -10.05
CA ALA E 25 -13.05 15.13 -9.55
C ALA E 25 -14.33 14.88 -10.35
N SER E 26 -15.45 14.94 -9.65
CA SER E 26 -16.76 14.68 -10.23
C SER E 26 -17.17 15.70 -11.29
N GLN E 27 -16.35 16.70 -11.59
CA GLN E 27 -16.59 17.64 -12.69
C GLN E 27 -15.36 18.51 -12.87
N THR E 28 -15.32 19.23 -14.00
CA THR E 28 -14.17 20.05 -14.35
C THR E 28 -13.82 21.04 -13.24
N ILE E 29 -12.61 20.91 -12.72
CA ILE E 29 -12.06 21.86 -11.76
C ILE E 29 -10.83 22.48 -12.39
N SER E 30 -10.91 22.75 -13.70
CA SER E 30 -9.85 23.41 -14.47
C SER E 30 -8.48 22.93 -14.04
N GLY E 31 -7.71 23.84 -13.43
CA GLY E 31 -6.42 23.52 -12.86
C GLY E 31 -6.37 23.87 -11.39
N TRP E 32 -7.55 24.12 -10.81
CA TRP E 32 -7.68 24.58 -9.43
C TRP E 32 -7.60 23.40 -8.45
N LEU E 33 -6.42 22.80 -8.37
CA LEU E 33 -6.19 21.65 -7.50
C LEU E 33 -4.88 21.80 -6.74
N ALA E 34 -4.87 21.33 -5.49
CA ALA E 34 -3.70 21.40 -4.61
C ALA E 34 -3.50 20.09 -3.85
N TRP E 35 -2.25 19.83 -3.44
CA TRP E 35 -1.88 18.58 -2.79
C TRP E 35 -1.27 18.85 -1.41
N TYR E 36 -1.68 18.07 -0.42
CA TYR E 36 -1.21 18.29 0.95
C TYR E 36 -0.62 17.02 1.54
N GLN E 37 0.45 17.20 2.30
CA GLN E 37 1.04 16.13 3.09
C GLN E 37 0.67 16.35 4.55
N GLN E 38 0.30 15.26 5.25
CA GLN E 38 -0.09 15.37 6.65
C GLN E 38 0.39 14.16 7.45
N LYS E 39 1.54 14.31 8.10
CA LYS E 39 1.95 13.28 9.05
C LYS E 39 1.03 13.31 10.25
N PRO E 40 0.86 12.18 10.94
CA PRO E 40 -0.16 12.12 12.00
C PRO E 40 0.13 13.11 13.12
N GLY E 41 -0.94 13.72 13.62
CA GLY E 41 -0.83 14.61 14.77
C GLY E 41 -0.39 16.01 14.44
N LYS E 42 0.31 16.17 13.32
CA LYS E 42 0.67 17.48 12.79
C LYS E 42 -0.43 17.97 11.84
N ALA E 43 -0.28 19.20 11.31
CA ALA E 43 -1.21 19.82 10.36
C ALA E 43 -0.78 19.55 8.93
N PRO E 44 -1.65 19.82 7.95
CA PRO E 44 -1.24 19.58 6.56
C PRO E 44 -0.23 20.60 6.08
N LYS E 45 0.66 20.15 5.20
CA LYS E 45 1.60 21.02 4.50
C LYS E 45 1.24 20.97 3.02
N LEU E 46 0.78 22.09 2.50
CA LEU E 46 0.59 22.25 1.06
C LEU E 46 1.90 22.01 0.32
N LEU E 47 1.85 21.22 -0.75
CA LEU E 47 2.99 20.91 -1.60
C LEU E 47 2.88 21.50 -3.00
N ILE E 48 1.70 21.41 -3.59
CA ILE E 48 1.44 21.78 -4.97
C ILE E 48 0.16 22.59 -5.01
N TYR E 49 0.11 23.61 -5.85
CA TYR E 49 -1.12 24.35 -6.05
C TYR E 49 -1.25 24.68 -7.52
N GLN E 50 -2.50 24.83 -7.99
CA GLN E 50 -2.81 24.95 -9.41
C GLN E 50 -2.30 23.73 -10.19
N ALA E 51 -2.70 22.55 -9.73
CA ALA E 51 -2.38 21.26 -10.36
C ALA E 51 -0.90 20.91 -10.40
N SER E 52 -0.03 21.90 -10.60
CA SER E 52 1.35 21.64 -10.97
C SER E 52 2.36 22.66 -10.47
N ARG E 53 1.96 23.73 -9.78
CA ARG E 53 2.92 24.70 -9.25
C ARG E 53 3.44 24.21 -7.91
N LEU E 54 4.76 24.00 -7.84
CA LEU E 54 5.40 23.58 -6.60
C LEU E 54 5.44 24.73 -5.58
N GLU E 55 4.93 24.47 -4.38
CA GLU E 55 5.00 25.48 -3.34
C GLU E 55 6.45 25.79 -2.98
N SER E 56 6.65 26.91 -2.29
CA SER E 56 7.99 27.36 -1.95
C SER E 56 8.54 26.54 -0.79
N GLY E 57 9.78 26.05 -0.94
CA GLY E 57 10.40 25.23 0.06
C GLY E 57 10.11 23.74 -0.03
N ILE E 58 9.11 23.35 -0.81
CA ILE E 58 8.83 21.93 -0.99
C ILE E 58 9.91 21.31 -1.87
N PRO E 59 10.38 20.10 -1.56
CA PRO E 59 11.46 19.50 -2.36
C PRO E 59 11.03 19.22 -3.79
N SER E 60 12.02 19.27 -4.70
CA SER E 60 11.72 19.18 -6.11
C SER E 60 11.18 17.82 -6.53
N ARG E 61 11.44 16.75 -5.75
CA ARG E 61 10.97 15.42 -6.13
C ARG E 61 9.46 15.36 -6.24
N PHE E 62 8.74 16.17 -5.45
CA PHE E 62 7.30 16.30 -5.57
C PHE E 62 6.95 17.11 -6.81
N SER E 63 6.04 16.57 -7.63
CA SER E 63 5.57 17.23 -8.83
C SER E 63 4.07 17.00 -8.95
N GLY E 64 3.43 17.83 -9.76
CA GLY E 64 2.01 17.63 -10.05
C GLY E 64 1.73 17.87 -11.52
N SER E 65 0.62 17.30 -11.98
CA SER E 65 0.18 17.49 -13.37
C SER E 65 -1.26 17.02 -13.51
N GLY E 66 -1.98 17.65 -14.43
CA GLY E 66 -3.38 17.32 -14.57
C GLY E 66 -4.23 18.52 -14.98
N SER E 67 -5.44 18.22 -15.42
CA SER E 67 -6.33 19.23 -15.99
C SER E 67 -7.76 18.73 -15.90
N GLY E 68 -8.68 19.66 -15.75
CA GLY E 68 -10.09 19.35 -15.84
C GLY E 68 -10.59 18.41 -14.76
N THR E 69 -10.30 17.12 -14.89
CA THR E 69 -10.97 16.14 -14.06
C THR E 69 -10.04 15.13 -13.39
N GLU E 70 -8.85 14.86 -13.92
CA GLU E 70 -7.94 13.91 -13.29
C GLU E 70 -6.56 14.54 -13.09
N PHE E 71 -5.96 14.28 -11.93
CA PHE E 71 -4.70 14.91 -11.54
C PHE E 71 -3.80 13.86 -10.90
N THR E 72 -2.49 14.09 -10.96
CA THR E 72 -1.51 13.16 -10.41
C THR E 72 -0.41 13.89 -9.64
N LEU E 73 -0.13 13.40 -8.43
CA LEU E 73 1.03 13.81 -7.65
C LEU E 73 2.08 12.71 -7.75
N THR E 74 3.34 13.10 -7.97
CA THR E 74 4.41 12.14 -8.22
C THR E 74 5.64 12.46 -7.40
N ILE E 75 5.97 11.58 -6.46
CA ILE E 75 7.23 11.65 -5.73
C ILE E 75 8.27 10.89 -6.54
N SER E 76 9.29 11.61 -7.01
CA SER E 76 10.22 11.00 -7.96
C SER E 76 11.12 9.98 -7.29
N SER E 77 11.57 10.26 -6.07
CA SER E 77 12.48 9.37 -5.36
C SER E 77 12.09 9.39 -3.89
N LEU E 78 11.31 8.39 -3.46
CA LEU E 78 10.80 8.35 -2.09
C LEU E 78 11.93 8.53 -1.09
N GLN E 79 11.60 9.12 0.05
CA GLN E 79 12.55 9.39 1.12
C GLN E 79 11.88 9.08 2.45
N PRO E 80 12.65 8.66 3.45
CA PRO E 80 12.03 8.24 4.71
C PRO E 80 11.16 9.30 5.32
N ASP E 81 11.42 10.57 5.01
CA ASP E 81 10.61 11.68 5.52
C ASP E 81 9.24 11.78 4.83
N ASP E 82 8.92 10.92 3.88
CA ASP E 82 7.68 11.06 3.14
C ASP E 82 6.55 10.20 3.67
N VAL E 83 6.81 9.35 4.67
CA VAL E 83 5.75 8.59 5.31
C VAL E 83 4.68 9.54 5.86
N ALA E 84 3.59 9.69 5.12
CA ALA E 84 2.47 10.51 5.54
C ALA E 84 1.27 10.11 4.73
N THR E 85 0.11 10.66 5.09
CA THR E 85 -1.05 10.60 4.22
C THR E 85 -1.04 11.83 3.32
N TYR E 86 -1.61 11.71 2.13
CA TYR E 86 -1.57 12.78 1.13
C TYR E 86 -3.00 13.08 0.69
N TYR E 87 -3.41 14.34 0.85
CA TYR E 87 -4.74 14.80 0.50
C TYR E 87 -4.68 15.74 -0.70
N CYS E 88 -5.72 15.70 -1.51
CA CYS E 88 -5.94 16.65 -2.59
C CYS E 88 -7.12 17.56 -2.24
N GLN E 89 -7.13 18.74 -2.83
CA GLN E 89 -8.16 19.73 -2.59
C GLN E 89 -8.52 20.36 -3.92
N GLN E 90 -9.82 20.37 -4.23
CA GLN E 90 -10.32 21.19 -5.30
C GLN E 90 -10.72 22.53 -4.73
N TYR E 91 -10.62 23.56 -5.55
CA TYR E 91 -11.12 24.87 -5.17
C TYR E 91 -11.59 25.63 -6.39
N SER E 92 -12.33 24.94 -7.27
CA SER E 92 -13.03 25.63 -8.34
C SER E 92 -14.34 26.21 -7.80
N THR E 93 -15.10 25.39 -7.09
CA THR E 93 -16.35 25.82 -6.46
C THR E 93 -16.35 25.23 -5.06
N PHE E 94 -16.22 26.11 -4.06
CA PHE E 94 -16.08 25.80 -2.63
C PHE E 94 -14.80 25.00 -2.44
N TRP E 95 -14.78 24.07 -1.49
CA TRP E 95 -13.64 23.23 -1.22
C TRP E 95 -14.12 21.80 -1.09
N THR E 96 -13.34 20.86 -1.59
CA THR E 96 -13.57 19.47 -1.26
C THR E 96 -12.23 18.78 -1.15
N PHE E 97 -12.09 17.93 -0.15
CA PHE E 97 -10.85 17.22 0.10
C PHE E 97 -11.00 15.73 -0.20
N GLY E 98 -9.95 15.13 -0.77
CA GLY E 98 -9.92 13.68 -0.87
C GLY E 98 -9.84 13.03 0.49
N LEU E 99 -9.98 11.71 0.50
CA LEU E 99 -9.85 10.96 1.75
C LEU E 99 -8.43 10.51 2.01
N GLY E 100 -7.53 10.64 1.05
CA GLY E 100 -6.12 10.46 1.32
C GLY E 100 -5.50 9.28 0.58
N THR E 101 -4.18 9.26 0.60
CA THR E 101 -3.36 8.15 0.10
C THR E 101 -2.26 7.94 1.14
N LYS E 102 -2.33 6.87 1.93
CA LYS E 102 -1.31 6.68 2.96
C LYS E 102 -0.10 6.00 2.35
N VAL E 103 1.07 6.64 2.46
CA VAL E 103 2.31 6.10 1.92
C VAL E 103 3.13 5.54 3.07
N GLU E 104 3.39 4.25 3.02
CA GLU E 104 4.33 3.57 3.92
C GLU E 104 5.60 3.24 3.16
N ILE E 105 6.65 2.95 3.93
CA ILE E 105 7.99 2.78 3.40
C ILE E 105 8.52 1.40 3.74
N LYS E 106 9.06 0.71 2.75
CA LYS E 106 9.76 -0.56 2.90
C LYS E 106 11.25 -0.31 3.11
N ARG E 107 11.83 -1.01 4.08
CA ARG E 107 13.23 -0.85 4.40
C ARG E 107 13.82 -2.18 4.85
N THR E 108 15.14 -2.22 4.97
CA THR E 108 15.80 -3.43 5.46
C THR E 108 15.23 -3.84 6.82
N VAL E 109 15.50 -5.06 7.22
CA VAL E 109 15.01 -5.56 8.50
C VAL E 109 15.88 -4.99 9.60
N ALA E 110 15.25 -4.67 10.73
CA ALA E 110 15.95 -4.12 11.87
C ALA E 110 15.37 -4.76 13.13
N ALA E 111 16.24 -5.33 13.93
CA ALA E 111 15.81 -5.97 15.16
C ALA E 111 15.51 -4.90 16.20
N PRO E 112 14.57 -5.15 17.09
CA PRO E 112 14.22 -4.14 18.09
C PRO E 112 15.32 -4.02 19.13
N SER E 113 15.07 -3.17 20.10
CA SER E 113 16.02 -2.90 21.18
C SER E 113 15.16 -2.78 22.44
N VAL E 114 15.13 -3.83 23.25
CA VAL E 114 14.13 -3.96 24.30
C VAL E 114 14.64 -3.32 25.58
N PHE E 115 13.76 -2.54 26.21
CA PHE E 115 13.97 -1.99 27.54
C PHE E 115 12.74 -2.31 28.39
N ILE E 116 12.97 -2.43 29.70
CA ILE E 116 11.87 -2.69 30.63
C ILE E 116 11.96 -1.68 31.76
N PHE E 117 10.79 -1.32 32.31
CA PHE E 117 10.71 -0.31 33.36
C PHE E 117 9.83 -0.80 34.49
N PRO E 118 10.36 -0.90 35.72
CA PRO E 118 9.52 -1.24 36.87
C PRO E 118 8.61 -0.07 37.23
N PRO E 119 7.51 -0.32 37.92
CA PRO E 119 6.63 0.78 38.30
C PRO E 119 7.27 1.65 39.38
N SER E 120 7.03 2.94 39.30
CA SER E 120 7.58 3.87 40.27
C SER E 120 6.79 3.80 41.58
N ASP E 121 7.42 4.29 42.65
CA ASP E 121 6.76 4.23 43.96
C ASP E 121 5.66 5.28 44.09
N GLU E 122 5.76 6.41 43.39
CA GLU E 122 4.65 7.34 43.32
C GLU E 122 3.37 6.65 42.88
N GLN E 123 3.48 5.68 41.97
CA GLN E 123 2.31 4.97 41.47
C GLN E 123 1.90 3.84 42.41
N LEU E 124 2.89 3.14 42.98
CA LEU E 124 2.58 2.06 43.93
C LEU E 124 1.85 2.58 45.16
N LYS E 125 2.06 3.85 45.51
CA LYS E 125 1.33 4.48 46.59
C LYS E 125 -0.08 4.91 46.19
N SER E 126 -0.70 4.22 45.23
CA SER E 126 -2.07 4.55 44.82
C SER E 126 -2.91 3.33 44.49
N GLY E 127 -2.38 2.11 44.61
CA GLY E 127 -3.16 0.91 44.36
C GLY E 127 -3.06 0.35 42.96
N THR E 128 -2.12 0.84 42.15
CA THR E 128 -1.98 0.38 40.78
C THR E 128 -0.51 0.44 40.38
N ALA E 129 -0.07 -0.57 39.64
CA ALA E 129 1.31 -0.69 39.17
C ALA E 129 1.30 -0.94 37.67
N SER E 130 2.08 -0.18 36.92
CA SER E 130 2.19 -0.33 35.48
C SER E 130 3.61 -0.76 35.13
N VAL E 131 3.72 -1.86 34.38
CA VAL E 131 5.00 -2.33 33.84
C VAL E 131 4.97 -2.09 32.34
N VAL E 132 5.97 -1.35 31.85
CA VAL E 132 6.06 -1.00 30.44
C VAL E 132 7.26 -1.70 29.84
N CYS E 133 7.05 -2.32 28.68
CA CYS E 133 8.10 -2.95 27.90
C CYS E 133 8.25 -2.15 26.61
N LEU E 134 9.48 -1.74 26.30
CA LEU E 134 9.75 -0.84 25.18
C LEU E 134 10.52 -1.57 24.10
N LEU E 135 9.98 -1.56 22.88
CA LEU E 135 10.66 -2.06 21.70
C LEU E 135 10.97 -0.84 20.84
N ASN E 136 12.26 -0.53 20.67
CA ASN E 136 12.66 0.74 20.09
C ASN E 136 13.36 0.53 18.76
N ASN E 137 12.85 1.18 17.72
CA ASN E 137 13.41 1.18 16.38
C ASN E 137 13.51 -0.23 15.81
N PHE E 138 12.50 -0.64 15.04
CA PHE E 138 12.50 -1.98 14.48
C PHE E 138 11.58 -2.03 13.27
N TYR E 139 11.92 -2.91 12.32
CA TYR E 139 11.15 -3.10 11.10
C TYR E 139 11.17 -4.58 10.78
N PRO E 140 10.03 -5.18 10.42
CA PRO E 140 8.74 -4.52 10.21
C PRO E 140 7.89 -4.33 11.46
N ARG E 141 6.65 -3.93 11.25
CA ARG E 141 5.78 -3.48 12.34
C ARG E 141 5.38 -4.60 13.30
N GLU E 142 5.36 -5.85 12.83
CA GLU E 142 4.77 -6.93 13.59
C GLU E 142 5.77 -7.45 14.62
N ALA E 143 5.26 -7.73 15.83
CA ALA E 143 6.08 -8.25 16.92
C ALA E 143 5.22 -8.65 18.11
N LYS E 144 5.06 -9.94 18.35
CA LYS E 144 4.27 -10.38 19.49
C LYS E 144 5.08 -10.19 20.76
N VAL E 145 4.52 -9.46 21.71
CA VAL E 145 5.13 -9.24 23.02
C VAL E 145 4.35 -10.07 24.03
N GLN E 146 5.01 -11.05 24.62
CA GLN E 146 4.43 -11.86 25.68
C GLN E 146 5.00 -11.41 27.01
N TRP E 147 4.14 -11.34 28.02
CA TRP E 147 4.54 -11.09 29.39
C TRP E 147 4.65 -12.40 30.14
N LYS E 148 5.52 -12.43 31.16
CA LYS E 148 5.68 -13.60 32.00
C LYS E 148 5.91 -13.15 33.43
N VAL E 149 5.07 -13.62 34.35
CA VAL E 149 5.20 -13.35 35.77
C VAL E 149 5.59 -14.67 36.42
N ASP E 150 6.88 -14.81 36.73
CA ASP E 150 7.44 -16.07 37.20
C ASP E 150 7.12 -17.22 36.24
N ASN E 151 7.48 -17.00 34.97
CA ASN E 151 7.25 -17.98 33.90
C ASN E 151 5.77 -18.35 33.78
N ALA E 152 4.90 -17.35 33.90
CA ALA E 152 3.46 -17.52 33.73
C ALA E 152 2.96 -16.51 32.69
N LEU E 153 2.56 -17.00 31.52
CA LEU E 153 2.14 -16.11 30.45
C LEU E 153 0.87 -15.35 30.82
N GLN E 154 0.74 -14.15 30.26
CA GLN E 154 -0.33 -13.20 30.62
C GLN E 154 -1.27 -12.98 29.45
N SER E 155 -2.46 -12.48 29.78
CA SER E 155 -3.47 -12.13 28.79
C SER E 155 -4.56 -11.30 29.48
N GLY E 156 -5.02 -10.26 28.79
CA GLY E 156 -6.12 -9.48 29.29
C GLY E 156 -5.76 -8.31 30.16
N ASN E 157 -4.59 -7.71 29.97
CA ASN E 157 -4.16 -6.56 30.75
C ASN E 157 -3.07 -5.79 30.04
N SER E 158 -2.42 -6.43 29.08
CA SER E 158 -1.32 -5.83 28.34
C SER E 158 -1.88 -5.04 27.15
N GLN E 159 -1.79 -3.72 27.22
CA GLN E 159 -2.17 -2.86 26.11
C GLN E 159 -0.93 -2.42 25.35
N GLU E 160 -1.01 -2.40 24.03
CA GLU E 160 0.12 -2.10 23.16
C GLU E 160 -0.17 -0.87 22.33
N SER E 161 0.75 0.08 22.35
CA SER E 161 0.74 1.24 21.47
C SER E 161 2.02 1.24 20.63
N VAL E 162 1.95 1.84 19.45
CA VAL E 162 3.05 1.80 18.50
C VAL E 162 3.11 3.13 17.75
N THR E 163 4.33 3.67 17.61
CA THR E 163 4.51 4.95 16.96
C THR E 163 4.26 4.83 15.46
N GLU E 164 3.89 5.96 14.85
CA GLU E 164 3.90 6.02 13.41
C GLU E 164 5.30 5.76 12.89
N GLN E 165 5.38 5.15 11.71
CA GLN E 165 6.66 4.88 11.07
C GLN E 165 7.55 6.11 11.12
N ASP E 166 8.77 5.92 11.62
CA ASP E 166 9.67 7.03 11.87
C ASP E 166 10.00 7.76 10.56
N SER E 167 10.15 9.09 10.67
CA SER E 167 10.39 9.92 9.50
C SER E 167 11.85 9.92 9.05
N LYS E 168 12.75 9.44 9.90
CA LYS E 168 14.18 9.46 9.61
C LYS E 168 14.69 8.10 9.15
N ASP E 169 14.44 7.04 9.94
CA ASP E 169 14.89 5.68 9.67
C ASP E 169 13.76 4.75 9.24
N SER E 170 12.53 5.25 9.14
CA SER E 170 11.36 4.49 8.70
C SER E 170 11.16 3.19 9.49
N THR E 171 11.47 3.23 10.79
CA THR E 171 11.18 2.12 11.68
C THR E 171 10.04 2.45 12.61
N TYR E 172 9.64 1.45 13.39
CA TYR E 172 8.59 1.59 14.38
C TYR E 172 9.17 1.46 15.78
N SER E 173 8.36 1.84 16.77
CA SER E 173 8.70 1.61 18.16
C SER E 173 7.41 1.32 18.91
N LEU E 174 7.46 0.37 19.84
CA LEU E 174 6.25 -0.22 20.41
C LEU E 174 6.30 -0.20 21.93
N SER E 175 5.20 0.24 22.54
CA SER E 175 5.01 0.20 23.97
C SER E 175 4.09 -0.95 24.35
N SER E 176 4.32 -1.54 25.52
CA SER E 176 3.42 -2.55 26.05
C SER E 176 3.27 -2.27 27.55
N THR E 177 2.18 -1.60 27.92
CA THR E 177 1.89 -1.34 29.32
C THR E 177 1.10 -2.51 29.89
N LEU E 178 1.32 -2.82 31.16
CA LEU E 178 0.70 -3.95 31.83
C LEU E 178 -0.18 -3.45 32.98
N THR E 179 -1.50 -3.57 32.81
CA THR E 179 -2.43 -3.15 33.84
C THR E 179 -2.44 -4.15 34.97
N LEU E 180 -2.26 -3.66 36.20
CA LEU E 180 -2.21 -4.53 37.38
C LEU E 180 -2.32 -3.66 38.64
N SER E 181 -2.94 -4.23 39.67
CA SER E 181 -3.15 -3.54 40.94
C SER E 181 -1.95 -3.71 41.85
N LYS E 182 -1.84 -2.80 42.85
CA LYS E 182 -0.76 -2.88 43.82
C LYS E 182 -0.86 -4.12 44.70
N ALA E 183 -2.06 -4.72 44.79
CA ALA E 183 -2.22 -5.96 45.52
C ALA E 183 -1.53 -7.11 44.78
N ASP E 184 -2.00 -7.42 43.58
CA ASP E 184 -1.45 -8.55 42.82
C ASP E 184 0.00 -8.34 42.42
N TYR E 185 0.46 -7.08 42.38
CA TYR E 185 1.83 -6.81 41.96
C TYR E 185 2.83 -7.40 42.95
N GLU E 186 2.70 -7.06 44.22
CA GLU E 186 3.64 -7.53 45.23
C GLU E 186 3.48 -9.02 45.52
N LYS E 187 2.41 -9.65 45.01
CA LYS E 187 2.20 -11.08 45.22
C LYS E 187 3.29 -11.93 44.57
N HIS E 188 4.01 -11.40 43.59
CA HIS E 188 4.98 -12.17 42.83
C HIS E 188 6.36 -11.52 42.93
N LYS E 189 7.31 -12.05 42.14
CA LYS E 189 8.72 -11.66 42.27
C LYS E 189 9.26 -10.98 41.02
N VAL E 190 9.77 -11.77 40.09
CA VAL E 190 10.51 -11.26 38.93
C VAL E 190 9.58 -11.14 37.73
N TYR E 191 9.68 -10.01 37.02
CA TYR E 191 8.87 -9.73 35.85
C TYR E 191 9.77 -9.61 34.61
N ALA E 192 9.20 -9.94 33.45
CA ALA E 192 9.94 -9.89 32.20
C ALA E 192 8.96 -9.98 31.02
N CYS E 193 9.38 -9.40 29.89
CA CYS E 193 8.66 -9.49 28.63
C CYS E 193 9.51 -10.25 27.62
N GLU E 194 8.85 -11.07 26.80
CA GLU E 194 9.51 -11.82 25.75
C GLU E 194 9.14 -11.19 24.41
N VAL E 195 10.13 -10.67 23.71
CA VAL E 195 9.93 -9.96 22.45
C VAL E 195 10.40 -10.88 21.33
N THR E 196 9.44 -11.32 20.51
CA THR E 196 9.72 -12.16 19.36
C THR E 196 9.50 -11.31 18.12
N HIS E 197 10.59 -10.97 17.44
CA HIS E 197 10.51 -10.18 16.23
C HIS E 197 11.25 -10.89 15.10
N GLN E 198 10.85 -10.56 13.87
CA GLN E 198 11.39 -11.25 12.70
C GLN E 198 12.90 -11.07 12.56
N GLY E 199 13.44 -9.96 13.05
CA GLY E 199 14.86 -9.69 12.93
C GLY E 199 15.67 -10.22 14.09
N LEU E 200 15.11 -11.18 14.82
CA LEU E 200 15.79 -11.83 15.93
C LEU E 200 15.92 -13.31 15.62
N SER E 201 17.13 -13.85 15.77
CA SER E 201 17.31 -15.28 15.62
C SER E 201 16.54 -16.04 16.70
N SER E 202 16.59 -15.57 17.94
CA SER E 202 15.86 -16.14 19.06
C SER E 202 15.16 -15.07 19.82
N PRO E 203 14.03 -15.38 20.48
CA PRO E 203 13.30 -14.38 21.26
C PRO E 203 14.13 -13.81 22.41
N VAL E 204 14.16 -12.50 22.52
CA VAL E 204 14.93 -11.78 23.54
C VAL E 204 14.02 -11.53 24.74
N THR E 205 14.59 -11.65 25.93
CA THR E 205 13.87 -11.42 27.17
C THR E 205 14.67 -10.49 28.07
N LYS E 206 14.02 -9.45 28.59
CA LYS E 206 14.60 -8.55 29.57
C LYS E 206 13.77 -8.65 30.85
N SER E 207 14.43 -8.84 31.98
CA SER E 207 13.76 -9.04 33.26
C SER E 207 14.22 -8.01 34.28
N PHE E 208 13.58 -8.04 35.45
CA PHE E 208 13.99 -7.25 36.60
C PHE E 208 13.42 -7.85 37.87
N ASN E 209 14.17 -7.73 38.95
CA ASN E 209 13.76 -8.22 40.26
C ASN E 209 13.11 -7.11 41.08
N ARG E 210 12.08 -7.48 41.84
CA ARG E 210 11.50 -6.55 42.80
C ARG E 210 12.50 -6.23 43.91
N GLY E 211 13.53 -5.44 43.59
CA GLY E 211 14.54 -5.10 44.57
C GLY E 211 15.78 -4.49 43.96
N GLU E 212 16.49 -5.24 43.12
CA GLU E 212 17.68 -4.73 42.45
C GLU E 212 17.29 -3.85 41.26
N TYR F 8 -27.42 37.80 -1.81
CA TYR F 8 -26.81 36.75 -1.01
C TYR F 8 -25.34 36.53 -1.38
N SER F 9 -24.86 35.30 -1.20
CA SER F 9 -23.43 35.04 -1.06
C SER F 9 -22.65 35.30 -2.36
N LEU F 10 -21.36 35.56 -2.18
CA LEU F 10 -20.46 35.87 -3.28
C LEU F 10 -20.08 34.62 -4.08
N CYS F 11 -19.53 34.85 -5.27
CA CYS F 11 -19.16 33.77 -6.20
C CYS F 11 -17.74 33.30 -5.92
N THR F 12 -17.63 32.05 -5.49
CA THR F 12 -16.35 31.47 -5.09
C THR F 12 -15.49 30.98 -6.25
N ALA F 13 -15.99 30.96 -7.48
CA ALA F 13 -15.25 30.33 -8.55
C ALA F 13 -14.52 31.36 -9.40
N ALA F 14 -14.03 30.90 -10.55
CA ALA F 14 -13.16 31.70 -11.39
C ALA F 14 -13.93 32.30 -12.54
N PHE F 15 -13.57 33.52 -12.89
CA PHE F 15 -14.14 34.26 -13.99
C PHE F 15 -13.17 34.30 -15.15
N THR F 16 -13.69 34.71 -16.30
CA THR F 16 -12.87 34.83 -17.49
C THR F 16 -13.38 36.01 -18.31
N PHE F 17 -12.51 36.95 -18.62
CA PHE F 17 -12.90 38.00 -19.56
C PHE F 17 -13.14 37.38 -20.93
N THR F 18 -14.36 37.54 -21.43
CA THR F 18 -14.70 37.07 -22.75
C THR F 18 -14.52 38.14 -23.82
N LYS F 19 -14.19 39.36 -23.43
CA LYS F 19 -13.77 40.38 -24.39
C LYS F 19 -13.01 41.45 -23.63
N ILE F 20 -12.18 42.19 -24.35
CA ILE F 20 -11.34 43.17 -23.66
C ILE F 20 -12.21 44.32 -23.15
N PRO F 21 -12.02 44.77 -21.92
CA PRO F 21 -12.81 45.91 -21.43
C PRO F 21 -12.62 47.11 -22.33
N ALA F 22 -13.70 47.91 -22.47
CA ALA F 22 -13.73 49.03 -23.38
C ALA F 22 -14.24 50.28 -22.68
N GLU F 23 -13.56 51.40 -22.91
CA GLU F 23 -14.01 52.70 -22.42
C GLU F 23 -15.26 53.15 -23.16
N THR F 24 -16.10 53.91 -22.46
CA THR F 24 -17.37 54.33 -23.04
C THR F 24 -17.50 55.84 -23.15
N LEU F 25 -18.68 56.33 -22.78
CA LEU F 25 -19.07 57.73 -22.89
C LEU F 25 -17.99 58.66 -22.35
N HIS F 26 -17.91 58.81 -21.03
CA HIS F 26 -17.01 59.76 -20.41
C HIS F 26 -15.92 59.09 -19.58
N GLY F 27 -15.71 57.80 -19.77
CA GLY F 27 -14.62 57.14 -19.08
C GLY F 27 -15.01 55.93 -18.26
N THR F 28 -16.28 55.54 -18.33
CA THR F 28 -16.70 54.30 -17.67
C THR F 28 -16.30 53.11 -18.51
N VAL F 29 -15.79 52.09 -17.87
CA VAL F 29 -15.33 50.89 -18.52
C VAL F 29 -16.37 49.80 -18.33
N THR F 30 -16.64 49.04 -19.38
CA THR F 30 -17.56 47.92 -19.35
C THR F 30 -16.79 46.63 -19.54
N VAL F 31 -17.27 45.56 -18.92
CA VAL F 31 -16.54 44.30 -18.81
C VAL F 31 -17.50 43.15 -19.06
N GLU F 32 -17.11 42.21 -19.92
CA GLU F 32 -17.88 40.99 -20.09
C GLU F 32 -17.05 39.85 -19.55
N VAL F 33 -17.68 38.98 -18.75
CA VAL F 33 -16.99 37.84 -18.16
C VAL F 33 -17.84 36.60 -18.31
N GLN F 34 -17.21 35.47 -18.06
CA GLN F 34 -17.87 34.17 -18.08
C GLN F 34 -17.47 33.42 -16.82
N TYR F 35 -18.45 32.82 -16.15
CA TYR F 35 -18.25 32.23 -14.84
C TYR F 35 -18.22 30.71 -14.95
N ALA F 36 -17.26 30.11 -14.26
CA ALA F 36 -16.90 28.71 -14.42
C ALA F 36 -17.25 27.88 -13.19
N GLY F 37 -18.25 28.31 -12.42
CA GLY F 37 -18.56 27.66 -11.17
C GLY F 37 -20.01 27.26 -11.07
N THR F 38 -20.25 26.23 -10.24
CA THR F 38 -21.57 25.65 -10.05
C THR F 38 -22.27 26.13 -8.79
N ASP F 39 -21.74 27.14 -8.10
CA ASP F 39 -22.38 27.67 -6.90
C ASP F 39 -23.36 28.80 -7.22
N GLY F 40 -24.15 28.64 -8.28
CA GLY F 40 -25.15 29.61 -8.63
C GLY F 40 -26.45 29.31 -7.96
N PRO F 41 -27.19 30.37 -7.57
CA PRO F 41 -26.86 31.77 -7.84
C PRO F 41 -25.91 32.42 -6.81
N CYS F 42 -25.15 33.42 -7.25
CA CYS F 42 -24.21 34.09 -6.37
C CYS F 42 -23.92 35.48 -6.90
N LYS F 43 -23.59 36.37 -5.97
CA LYS F 43 -23.21 37.74 -6.29
C LYS F 43 -21.80 37.75 -6.86
N VAL F 44 -21.60 38.50 -7.93
CA VAL F 44 -20.34 38.54 -8.65
C VAL F 44 -19.34 39.48 -7.96
N PRO F 45 -18.18 38.99 -7.59
CA PRO F 45 -17.16 39.86 -7.00
C PRO F 45 -16.51 40.79 -8.01
N ALA F 46 -17.07 41.97 -8.19
CA ALA F 46 -16.55 42.95 -9.14
C ALA F 46 -16.24 44.25 -8.42
N GLN F 47 -15.12 44.86 -8.77
CA GLN F 47 -14.68 46.10 -8.16
C GLN F 47 -13.47 46.62 -8.91
N MET F 48 -13.16 47.89 -8.68
CA MET F 48 -11.84 48.45 -8.98
C MET F 48 -10.97 48.38 -7.72
N ALA F 49 -9.67 48.60 -7.90
CA ALA F 49 -8.75 48.51 -6.78
C ALA F 49 -7.40 49.06 -7.22
N VAL F 50 -6.61 49.51 -6.24
CA VAL F 50 -5.30 50.07 -6.53
C VAL F 50 -4.24 49.33 -5.73
N ASP F 51 -4.65 48.77 -4.60
CA ASP F 51 -3.81 47.93 -3.75
C ASP F 51 -4.37 46.52 -3.82
N MET F 52 -3.61 45.60 -4.42
CA MET F 52 -4.12 44.24 -4.52
C MET F 52 -4.08 43.49 -3.19
N GLN F 53 -3.38 44.02 -2.19
CA GLN F 53 -3.37 43.42 -0.86
C GLN F 53 -4.66 43.75 -0.09
N THR F 54 -5.05 45.02 -0.08
CA THR F 54 -6.23 45.45 0.69
C THR F 54 -7.53 45.20 -0.05
N LEU F 55 -7.48 45.26 -1.38
CA LEU F 55 -8.69 45.19 -2.21
C LEU F 55 -9.76 46.14 -1.69
N THR F 56 -9.33 47.21 -1.03
CA THR F 56 -10.27 48.24 -0.64
C THR F 56 -10.78 48.88 -1.93
N PRO F 57 -12.10 48.91 -2.13
CA PRO F 57 -12.67 49.39 -3.40
C PRO F 57 -12.29 50.84 -3.68
N VAL F 58 -11.61 51.05 -4.80
CA VAL F 58 -11.50 52.36 -5.40
C VAL F 58 -12.52 52.45 -6.50
N GLY F 59 -12.73 53.66 -7.04
CA GLY F 59 -13.76 53.83 -8.06
C GLY F 59 -15.13 53.52 -7.50
N ARG F 60 -15.98 52.88 -8.33
CA ARG F 60 -17.31 52.49 -7.88
C ARG F 60 -17.96 51.59 -8.93
N LEU F 61 -18.59 50.52 -8.47
CA LEU F 61 -19.28 49.62 -9.37
C LEU F 61 -20.59 50.26 -9.81
N ILE F 62 -20.74 50.46 -11.12
CA ILE F 62 -21.94 51.06 -11.67
C ILE F 62 -23.05 50.03 -11.82
N THR F 63 -22.71 48.80 -12.19
CA THR F 63 -23.73 47.77 -12.31
C THR F 63 -24.38 47.55 -10.95
N ALA F 64 -25.70 47.56 -10.94
CA ALA F 64 -26.44 47.48 -9.70
C ALA F 64 -26.65 46.01 -9.34
N ASN F 65 -26.10 45.59 -8.20
CA ASN F 65 -26.20 44.23 -7.69
C ASN F 65 -26.04 43.19 -8.79
N PRO F 66 -24.81 42.88 -9.19
CA PRO F 66 -24.58 41.85 -10.23
C PRO F 66 -24.56 40.44 -9.66
N VAL F 67 -25.56 39.65 -10.02
CA VAL F 67 -25.70 38.29 -9.52
C VAL F 67 -25.70 37.33 -10.69
N ILE F 68 -24.87 36.28 -10.60
CA ILE F 68 -24.87 35.20 -11.58
C ILE F 68 -26.17 34.41 -11.45
N THR F 69 -26.82 34.22 -12.59
CA THR F 69 -28.17 33.67 -12.60
C THR F 69 -28.18 32.15 -12.48
N GLU F 70 -27.50 31.47 -13.39
CA GLU F 70 -27.59 30.03 -13.55
C GLU F 70 -26.85 29.30 -12.43
N SER F 71 -27.24 28.05 -12.24
CA SER F 71 -26.58 27.12 -11.34
C SER F 71 -25.61 26.19 -12.06
N THR F 72 -25.40 26.38 -13.37
CA THR F 72 -24.58 25.50 -14.19
C THR F 72 -23.27 26.20 -14.56
N GLU F 73 -22.29 25.37 -14.97
CA GLU F 73 -21.02 25.91 -15.42
C GLU F 73 -21.23 26.79 -16.66
N ASN F 74 -20.31 27.73 -16.85
CA ASN F 74 -20.30 28.62 -18.01
C ASN F 74 -21.60 29.43 -18.13
N SER F 75 -21.67 30.55 -17.43
CA SER F 75 -22.69 31.55 -17.66
C SER F 75 -21.99 32.85 -18.02
N LYS F 76 -22.73 33.76 -18.63
CA LYS F 76 -22.16 35.05 -18.99
C LYS F 76 -22.58 36.12 -17.97
N MET F 77 -21.96 37.29 -18.09
CA MET F 77 -22.28 38.42 -17.24
C MET F 77 -21.61 39.67 -17.81
N MET F 78 -22.31 40.80 -17.70
CA MET F 78 -21.77 42.08 -18.14
C MET F 78 -21.79 43.07 -16.98
N LEU F 79 -20.64 43.70 -16.73
CA LEU F 79 -20.48 44.66 -15.66
C LEU F 79 -20.00 45.99 -16.23
N GLU F 80 -20.29 47.05 -15.51
CA GLU F 80 -19.76 48.35 -15.83
C GLU F 80 -19.29 49.01 -14.54
N LEU F 81 -18.15 49.69 -14.59
CA LEU F 81 -17.61 50.36 -13.43
C LEU F 81 -17.19 51.78 -13.79
N ASP F 82 -17.06 52.61 -12.75
CA ASP F 82 -16.61 53.99 -12.90
C ASP F 82 -15.20 54.10 -12.33
N PRO F 83 -14.17 53.93 -13.15
CA PRO F 83 -12.81 53.87 -12.61
C PRO F 83 -12.33 55.24 -12.20
N PRO F 84 -11.42 55.32 -11.24
CA PRO F 84 -10.81 56.61 -10.91
C PRO F 84 -9.96 57.15 -12.03
N PHE F 85 -9.41 58.34 -11.82
CA PHE F 85 -8.47 58.92 -12.76
C PHE F 85 -7.10 58.29 -12.57
N GLY F 86 -6.34 58.20 -13.65
CA GLY F 86 -5.10 57.46 -13.61
C GLY F 86 -5.32 55.96 -13.67
N ASP F 87 -4.54 55.22 -12.89
CA ASP F 87 -4.40 53.78 -13.07
C ASP F 87 -5.07 53.01 -11.93
N SER F 88 -5.82 51.97 -12.28
CA SER F 88 -6.44 51.09 -11.31
C SER F 88 -6.39 49.66 -11.84
N TYR F 89 -7.12 48.75 -11.19
CA TYR F 89 -7.24 47.38 -11.64
C TYR F 89 -8.71 46.96 -11.59
N ILE F 90 -9.21 46.43 -12.69
CA ILE F 90 -10.47 45.70 -12.65
C ILE F 90 -10.22 44.38 -11.93
N VAL F 91 -11.05 44.05 -10.96
CA VAL F 91 -10.84 42.86 -10.14
C VAL F 91 -12.13 42.07 -10.06
N ILE F 92 -12.18 40.96 -10.80
CA ILE F 92 -13.35 40.09 -10.83
C ILE F 92 -13.01 38.79 -10.13
N GLY F 93 -14.00 38.23 -9.42
CA GLY F 93 -13.82 37.03 -8.60
C GLY F 93 -13.18 37.34 -7.26
N VAL F 94 -12.93 36.28 -6.49
CA VAL F 94 -12.23 36.36 -5.22
C VAL F 94 -11.09 35.36 -5.18
N GLY F 95 -10.21 35.56 -4.21
CA GLY F 95 -9.16 34.60 -3.93
C GLY F 95 -8.05 34.50 -4.96
N GLU F 96 -7.43 33.32 -4.96
CA GLU F 96 -6.34 33.02 -5.88
C GLU F 96 -6.81 32.95 -7.33
N LYS F 97 -8.11 32.72 -7.55
CA LYS F 97 -8.68 32.71 -8.88
C LYS F 97 -9.18 34.08 -9.33
N LYS F 98 -8.72 35.15 -8.68
CA LYS F 98 -9.07 36.50 -9.10
C LYS F 98 -8.48 36.79 -10.48
N ILE F 99 -9.24 37.47 -11.32
CA ILE F 99 -8.72 37.97 -12.59
C ILE F 99 -8.62 39.48 -12.51
N THR F 100 -7.57 40.04 -13.13
CA THR F 100 -7.35 41.48 -13.13
C THR F 100 -6.95 41.97 -14.51
N HIS F 101 -7.37 43.20 -14.81
CA HIS F 101 -6.96 43.88 -16.04
C HIS F 101 -6.64 45.33 -15.73
N HIS F 102 -5.46 45.79 -16.14
CA HIS F 102 -5.05 47.17 -15.90
C HIS F 102 -5.94 48.16 -16.65
N TRP F 103 -6.22 49.29 -16.01
CA TRP F 103 -7.05 50.32 -16.62
C TRP F 103 -6.42 51.70 -16.47
N HIS F 104 -6.59 52.55 -17.48
CA HIS F 104 -6.17 53.93 -17.41
C HIS F 104 -7.26 54.85 -17.92
N ARG F 105 -7.52 55.92 -17.18
CA ARG F 105 -8.56 56.90 -17.49
C ARG F 105 -7.96 58.30 -17.35
N SER F 106 -8.02 59.08 -18.43
CA SER F 106 -7.28 60.35 -18.53
C SER F 106 -8.14 61.54 -18.11
N GLY F 107 -9.20 61.81 -18.85
CA GLY F 107 -10.07 62.96 -18.57
C GLY F 107 -11.37 62.96 -19.37
CAC FLC G . 3.11 33.74 3.15
CA FLC G . 3.70 33.19 1.85
CB FLC G . 4.45 34.30 1.11
CBC FLC G . 3.60 35.58 1.12
CG FLC G . 4.77 33.77 -0.30
CGC FLC G . 5.10 34.85 -1.33
OA1 FLC G . 1.93 34.17 3.20
OA2 FLC G . 3.82 33.73 4.18
OB1 FLC G . 2.48 35.64 0.55
OB2 FLC G . 4.03 36.59 1.73
OG1 FLC G . 4.69 34.72 -2.52
OG2 FLC G . 5.77 35.86 -1.03
OHB FLC G . 5.63 34.55 1.84
#